data_3FVU
#
_entry.id   3FVU
#
_cell.length_a   106.364
_cell.length_b   108.454
_cell.length_c   81.867
_cell.angle_alpha   90.00
_cell.angle_beta   114.20
_cell.angle_gamma   90.00
#
_symmetry.space_group_name_H-M   'C 1 2 1'
#
loop_
_entity.id
_entity.type
_entity.pdbx_description
1 polymer 'Kynurenine--oxoglutarate transaminase 1'
2 non-polymer '1H-INDOL-3-YLACETIC ACID'
3 non-polymer GLYCEROL
4 non-polymer 'SODIUM ION'
5 water water
#
_entity_poly.entity_id   1
_entity_poly.type   'polypeptide(L)'
_entity_poly.pdbx_seq_one_letter_code
;MAKQLQARRLDGIDYNPWVEFVKLASEHDVVNLGQGFPDFPPPDFAVEAFQHAVSGDFMLNQYTKTFGYPPLTKILASFF
GELLGQEIDPLRNVLVTVGGYGALFTAFQALVDEGDEVIIIEPFFDCYEPMTMMAGGRPVFVSLKPGPIQNGELGSSSNW
QLDPMELAGKFTSRTKALVLNTPNNPLGKVFSREELELVASLCQQHDVVCITDEVYQWMVYDGHQHISIASLPGMWERTL
TIGSAG(LLP)TFSATGWKVGWVLGPDHIMKHLRTVHQNSVFHCPTQSQAAVAESFEREQLLFRQPSSYFVQFPQAMQRC
RDHMIRSLQSVGLKPIIPQGSYFLITDISDFKRKMPDLPGAVDEPYDRRFVKWMIKNKGLVAIPVSIFYSVPHQKHFDHY
IRFCFVKDEATLQAMDEKLRKWKVEL
;
_entity_poly.pdbx_strand_id   A,B
#
loop_
_chem_comp.id
_chem_comp.type
_chem_comp.name
_chem_comp.formula
GOL non-polymer GLYCEROL 'C3 H8 O3'
IAC non-polymer '1H-INDOL-3-YLACETIC ACID' 'C10 H9 N O2'
NA non-polymer 'SODIUM ION' 'Na 1'
#
# COMPACT_ATOMS: atom_id res chain seq x y z
N GLN A 4 16.02 7.72 -20.94
CA GLN A 4 15.06 7.04 -20.02
C GLN A 4 14.04 7.98 -19.39
N LEU A 5 12.77 7.69 -19.66
CA LEU A 5 11.64 8.23 -18.93
C LEU A 5 11.65 7.70 -17.48
N GLN A 6 11.81 6.39 -17.33
CA GLN A 6 11.65 5.74 -16.03
C GLN A 6 12.91 5.77 -15.19
N ALA A 7 12.73 5.64 -13.88
CA ALA A 7 13.83 5.65 -12.94
C ALA A 7 14.68 4.38 -13.11
N ARG A 8 15.99 4.50 -12.95
CA ARG A 8 16.88 3.34 -13.07
C ARG A 8 16.64 2.27 -12.00
N ARG A 9 15.95 2.62 -10.91
CA ARG A 9 15.73 1.65 -9.82
C ARG A 9 14.86 0.50 -10.35
N LEU A 10 14.17 0.74 -11.46
CA LEU A 10 13.30 -0.31 -12.06
C LEU A 10 14.06 -1.27 -12.97
N ASP A 11 15.36 -1.04 -13.15
CA ASP A 11 16.13 -1.89 -14.06
C ASP A 11 16.08 -3.35 -13.63
N GLY A 12 15.69 -4.21 -14.56
CA GLY A 12 15.74 -5.66 -14.37
C GLY A 12 14.68 -6.23 -13.44
N ILE A 13 13.69 -5.40 -13.05
CA ILE A 13 12.62 -5.89 -12.16
C ILE A 13 11.21 -5.80 -12.72
N ASP A 14 11.09 -5.62 -14.03
CA ASP A 14 9.80 -5.52 -14.67
C ASP A 14 9.17 -6.88 -14.99
N TYR A 15 9.98 -7.93 -15.06
CA TYR A 15 9.43 -9.24 -15.41
C TYR A 15 8.90 -9.99 -14.18
N ASN A 16 7.68 -10.53 -14.34
CA ASN A 16 7.04 -11.41 -13.37
C ASN A 16 6.89 -12.80 -14.00
N PRO A 17 7.66 -13.77 -13.51
CA PRO A 17 7.87 -15.01 -14.27
C PRO A 17 6.73 -15.98 -13.99
N TRP A 18 5.93 -15.63 -12.99
CA TRP A 18 4.65 -16.26 -12.73
C TRP A 18 3.71 -16.16 -13.91
N VAL A 19 3.77 -15.05 -14.63
CA VAL A 19 2.65 -14.67 -15.47
C VAL A 19 2.34 -15.67 -16.55
N GLU A 20 3.38 -16.23 -17.15
CA GLU A 20 3.19 -17.23 -18.21
C GLU A 20 2.43 -18.48 -17.72
N PHE A 21 2.58 -18.79 -16.44
CA PHE A 21 1.90 -19.96 -15.87
C PHE A 21 0.46 -19.64 -15.50
N VAL A 22 0.21 -18.45 -14.96
CA VAL A 22 -1.15 -18.01 -14.68
C VAL A 22 -1.99 -17.98 -15.98
N LYS A 23 -1.38 -17.46 -17.04
CA LYS A 23 -2.02 -17.38 -18.34
C LYS A 23 -2.28 -18.77 -18.92
N LEU A 24 -1.27 -19.64 -18.91
CA LEU A 24 -1.44 -20.99 -19.45
C LEU A 24 -2.52 -21.72 -18.67
N ALA A 25 -2.49 -21.59 -17.34
CA ALA A 25 -3.50 -22.21 -16.48
C ALA A 25 -4.92 -21.78 -16.85
N SER A 26 -5.12 -20.47 -17.11
CA SER A 26 -6.44 -19.93 -17.44
C SER A 26 -6.97 -20.44 -18.79
N GLU A 27 -6.08 -20.94 -19.64
CA GLU A 27 -6.45 -21.40 -20.98
C GLU A 27 -6.88 -22.87 -21.00
N HIS A 28 -6.68 -23.57 -19.88
CA HIS A 28 -6.93 -25.00 -19.81
C HIS A 28 -7.91 -25.39 -18.72
N ASP A 29 -8.39 -26.62 -18.80
CA ASP A 29 -9.23 -27.20 -17.78
C ASP A 29 -8.32 -27.82 -16.74
N VAL A 30 -8.14 -27.12 -15.63
CA VAL A 30 -7.12 -27.51 -14.67
C VAL A 30 -7.62 -27.59 -13.24
N VAL A 31 -6.87 -28.35 -12.45
CA VAL A 31 -6.95 -28.30 -11.00
C VAL A 31 -5.78 -27.43 -10.59
N ASN A 32 -6.09 -26.28 -10.01
CA ASN A 32 -5.06 -25.28 -9.84
C ASN A 32 -4.37 -25.38 -8.50
N LEU A 33 -3.29 -26.14 -8.49
CA LEU A 33 -2.51 -26.31 -7.27
C LEU A 33 -1.32 -25.35 -7.25
N GLY A 34 -1.31 -24.39 -8.17
CA GLY A 34 -0.31 -23.31 -8.18
C GLY A 34 -0.69 -22.13 -7.30
N GLN A 35 -1.99 -21.87 -7.18
CA GLN A 35 -2.49 -20.74 -6.41
C GLN A 35 -2.17 -20.95 -4.93
N GLY A 36 -1.44 -19.99 -4.36
CA GLY A 36 -0.97 -20.05 -2.98
C GLY A 36 -1.93 -19.37 -2.03
N PHE A 37 -3.19 -19.77 -2.11
CA PHE A 37 -4.26 -19.25 -1.26
C PHE A 37 -5.42 -20.24 -1.23
N PRO A 38 -6.24 -20.16 -0.16
CA PRO A 38 -7.39 -21.05 -0.09
C PRO A 38 -8.40 -20.87 -1.22
N ASP A 39 -9.03 -21.96 -1.61
CA ASP A 39 -10.20 -21.92 -2.50
C ASP A 39 -11.47 -22.30 -1.75
N PHE A 40 -11.42 -22.12 -0.44
CA PHE A 40 -12.57 -22.28 0.45
C PHE A 40 -12.69 -21.02 1.31
N PRO A 41 -13.83 -20.84 2.01
CA PRO A 41 -14.01 -19.60 2.78
C PRO A 41 -13.06 -19.44 3.97
N PRO A 42 -12.82 -18.19 4.39
CA PRO A 42 -12.16 -17.97 5.67
C PRO A 42 -13.12 -18.44 6.77
N PRO A 43 -12.61 -18.60 8.00
CA PRO A 43 -13.50 -19.02 9.07
C PRO A 43 -14.61 -17.98 9.31
N ASP A 44 -15.77 -18.46 9.75
CA ASP A 44 -16.91 -17.58 9.97
C ASP A 44 -16.60 -16.38 10.85
N PHE A 45 -15.83 -16.56 11.93
CA PHE A 45 -15.55 -15.45 12.84
C PHE A 45 -14.79 -14.32 12.15
N ALA A 46 -13.94 -14.67 11.17
CA ALA A 46 -13.20 -13.67 10.41
C ALA A 46 -14.13 -12.93 9.44
N VAL A 47 -14.91 -13.67 8.65
CA VAL A 47 -15.84 -13.03 7.72
C VAL A 47 -16.84 -12.14 8.48
N GLU A 48 -17.35 -12.66 9.61
CA GLU A 48 -18.29 -11.90 10.43
C GLU A 48 -17.64 -10.62 10.99
N ALA A 49 -16.35 -10.70 11.32
CA ALA A 49 -15.60 -9.53 11.81
C ALA A 49 -15.58 -8.41 10.76
N PHE A 50 -15.36 -8.77 9.50
CA PHE A 50 -15.36 -7.78 8.43
C PHE A 50 -16.77 -7.25 8.21
N GLN A 51 -17.77 -8.14 8.26
CA GLN A 51 -19.17 -7.69 8.15
C GLN A 51 -19.54 -6.68 9.24
N HIS A 52 -19.08 -6.95 10.45
CA HIS A 52 -19.34 -6.04 11.59
C HIS A 52 -18.70 -4.67 11.32
N ALA A 53 -17.45 -4.71 10.84
CA ALA A 53 -16.72 -3.47 10.61
C ALA A 53 -17.35 -2.57 9.56
N VAL A 54 -18.03 -3.14 8.58
CA VAL A 54 -18.68 -2.33 7.55
C VAL A 54 -20.17 -2.04 7.81
N SER A 55 -20.67 -2.50 8.95
CA SER A 55 -22.06 -2.22 9.34
C SER A 55 -22.19 -1.68 10.77
N GLY A 56 -21.08 -1.18 11.32
CA GLY A 56 -21.08 -0.66 12.69
C GLY A 56 -20.90 0.85 12.68
N ASP A 57 -20.03 1.33 13.57
CA ASP A 57 -19.74 2.75 13.72
C ASP A 57 -19.44 3.35 12.35
N PHE A 58 -20.26 4.30 11.90
CA PHE A 58 -20.10 4.87 10.56
C PHE A 58 -18.73 5.53 10.32
N MET A 59 -18.11 6.00 11.39
CA MET A 59 -16.80 6.66 11.27
C MET A 59 -15.70 5.70 10.95
N LEU A 60 -15.99 4.40 10.97
CA LEU A 60 -15.00 3.41 10.49
C LEU A 60 -14.81 3.53 8.97
N ASN A 61 -15.68 4.25 8.30
CA ASN A 61 -15.52 4.51 6.86
C ASN A 61 -14.49 5.60 6.57
N GLN A 62 -14.03 6.29 7.61
CA GLN A 62 -13.05 7.38 7.44
C GLN A 62 -11.66 6.96 7.94
N TYR A 63 -10.68 7.83 7.67
CA TYR A 63 -9.29 7.54 7.98
C TYR A 63 -9.11 7.14 9.44
N THR A 64 -8.16 6.23 9.65
CA THR A 64 -7.67 5.94 11.00
C THR A 64 -6.23 6.48 11.16
N LYS A 65 -5.57 6.08 12.24
CA LYS A 65 -4.22 6.56 12.56
C LYS A 65 -3.19 6.03 11.58
N THR A 66 -2.20 6.87 11.29
CA THR A 66 -1.19 6.54 10.28
C THR A 66 -0.47 5.21 10.53
N PHE A 67 -0.04 4.93 11.75
CA PHE A 67 0.78 3.74 12.02
C PHE A 67 -0.04 2.52 12.42
N GLY A 68 -1.36 2.68 12.40
CA GLY A 68 -2.28 1.56 12.56
C GLY A 68 -3.54 1.89 13.33
N TYR A 69 -4.61 1.17 13.01
CA TYR A 69 -5.86 1.29 13.75
C TYR A 69 -5.55 0.88 15.19
N PRO A 70 -5.78 1.79 16.16
CA PRO A 70 -5.38 1.47 17.55
C PRO A 70 -5.83 0.13 18.14
N PRO A 71 -7.12 -0.28 17.96
CA PRO A 71 -7.45 -1.62 18.50
C PRO A 71 -6.62 -2.74 17.88
N LEU A 72 -6.20 -2.58 16.63
CA LEU A 72 -5.34 -3.58 16.02
C LEU A 72 -3.94 -3.56 16.59
N THR A 73 -3.34 -2.37 16.71
CA THR A 73 -1.97 -2.35 17.22
C THR A 73 -1.94 -2.81 18.69
N LYS A 74 -3.03 -2.50 19.41
CA LYS A 74 -3.20 -2.94 20.82
C LYS A 74 -3.13 -4.49 20.91
N ILE A 75 -3.93 -5.18 20.12
CA ILE A 75 -3.94 -6.64 20.21
C ILE A 75 -2.67 -7.26 19.60
N LEU A 76 -2.15 -6.67 18.53
CA LEU A 76 -0.88 -7.17 18.01
C LEU A 76 0.23 -7.09 19.05
N ALA A 77 0.29 -5.97 19.76
CA ALA A 77 1.30 -5.77 20.79
C ALA A 77 1.16 -6.76 21.96
N SER A 78 -0.07 -6.99 22.40
CA SER A 78 -0.30 -7.90 23.55
C SER A 78 -0.10 -9.36 23.17
N PHE A 79 -0.75 -9.79 22.09
CA PHE A 79 -0.70 -11.16 21.61
C PHE A 79 0.71 -11.58 21.21
N PHE A 80 1.37 -10.80 20.35
CA PHE A 80 2.73 -11.13 19.94
C PHE A 80 3.80 -10.84 20.98
N GLY A 81 3.52 -9.88 21.85
CA GLY A 81 4.37 -9.63 23.02
C GLY A 81 4.51 -10.91 23.84
N GLU A 82 3.36 -11.52 24.11
CA GLU A 82 3.28 -12.82 24.80
C GLU A 82 4.07 -13.89 24.05
N LEU A 83 3.83 -14.00 22.73
CA LEU A 83 4.47 -15.03 21.94
C LEU A 83 5.99 -14.86 21.87
N LEU A 84 6.45 -13.62 21.81
CA LEU A 84 7.88 -13.35 21.63
C LEU A 84 8.63 -13.21 22.96
N GLY A 85 7.86 -13.11 24.06
CA GLY A 85 8.42 -12.86 25.40
C GLY A 85 9.03 -11.47 25.44
N GLN A 86 8.29 -10.50 24.91
CA GLN A 86 8.80 -9.16 24.69
C GLN A 86 7.75 -8.13 25.02
N GLU A 87 8.19 -7.06 25.68
CA GLU A 87 7.33 -5.90 25.89
C GLU A 87 7.24 -5.13 24.57
N ILE A 88 6.03 -5.06 24.01
CA ILE A 88 5.83 -4.36 22.74
C ILE A 88 4.91 -3.17 22.92
N ASP A 89 5.40 -1.97 22.62
CA ASP A 89 4.54 -0.79 22.63
C ASP A 89 3.87 -0.63 21.27
N PRO A 90 2.53 -0.52 21.25
CA PRO A 90 1.81 -0.39 19.98
C PRO A 90 2.34 0.75 19.12
N LEU A 91 2.63 1.90 19.73
CA LEU A 91 2.96 3.07 18.93
C LEU A 91 4.40 3.06 18.41
N ARG A 92 5.31 2.48 19.16
CA ARG A 92 6.73 2.50 18.80
C ARG A 92 7.25 1.25 18.11
N ASN A 93 6.56 0.12 18.33
CA ASN A 93 7.10 -1.18 17.94
C ASN A 93 6.23 -1.98 16.95
N VAL A 94 5.08 -1.40 16.57
CA VAL A 94 4.13 -2.05 15.63
C VAL A 94 3.81 -1.08 14.48
N LEU A 95 3.88 -1.58 13.24
CA LEU A 95 3.39 -0.83 12.10
C LEU A 95 2.46 -1.73 11.30
N VAL A 96 1.24 -1.28 11.06
CA VAL A 96 0.33 -2.00 10.15
C VAL A 96 0.61 -1.58 8.70
N THR A 97 0.66 -2.58 7.83
CA THR A 97 1.08 -2.40 6.44
C THR A 97 0.08 -3.03 5.47
N VAL A 98 0.31 -2.82 4.16
CA VAL A 98 -0.52 -3.43 3.11
C VAL A 98 0.05 -4.85 2.84
N GLY A 99 -0.38 -5.76 3.70
CA GLY A 99 0.05 -7.13 3.63
C GLY A 99 1.47 -7.37 4.11
N GLY A 100 1.83 -8.64 4.18
CA GLY A 100 3.23 -9.00 4.37
C GLY A 100 4.07 -8.44 3.23
N TYR A 101 3.52 -8.33 2.02
CA TYR A 101 4.28 -7.81 0.92
C TYR A 101 4.67 -6.34 1.17
N GLY A 102 3.72 -5.51 1.60
CA GLY A 102 4.01 -4.10 1.90
C GLY A 102 4.96 -3.96 3.07
N ALA A 103 4.86 -4.88 4.01
CA ALA A 103 5.75 -4.89 5.19
C ALA A 103 7.18 -5.12 4.72
N LEU A 104 7.37 -6.11 3.84
CA LEU A 104 8.70 -6.37 3.23
C LEU A 104 9.23 -5.13 2.52
N PHE A 105 8.40 -4.56 1.63
CA PHE A 105 8.78 -3.39 0.87
C PHE A 105 9.23 -2.25 1.79
N THR A 106 8.44 -2.03 2.84
CA THR A 106 8.71 -0.94 3.78
C THR A 106 10.07 -1.15 4.45
N ALA A 107 10.35 -2.40 4.85
CA ALA A 107 11.64 -2.73 5.48
C ALA A 107 12.81 -2.50 4.53
N PHE A 108 12.71 -2.99 3.28
CA PHE A 108 13.77 -2.78 2.28
C PHE A 108 14.02 -1.31 1.97
N GLN A 109 12.95 -0.55 1.82
CA GLN A 109 13.09 0.85 1.46
C GLN A 109 13.66 1.66 2.62
N ALA A 110 13.40 1.21 3.85
CA ALA A 110 13.89 1.90 5.05
C ALA A 110 15.39 1.67 5.26
N LEU A 111 15.83 0.45 4.94
CA LEU A 111 17.13 -0.01 5.44
C LEU A 111 18.16 -0.26 4.37
N VAL A 112 17.73 -0.64 3.17
CA VAL A 112 18.69 -1.10 2.17
C VAL A 112 19.10 0.07 1.25
N ASP A 113 20.39 0.25 1.06
CA ASP A 113 20.92 1.41 0.34
C ASP A 113 21.93 0.93 -0.69
N GLU A 114 22.31 1.81 -1.62
CA GLU A 114 23.34 1.54 -2.61
C GLU A 114 24.61 1.08 -1.92
N GLY A 115 25.18 -0.02 -2.39
CA GLY A 115 26.39 -0.58 -1.76
C GLY A 115 26.17 -1.47 -0.54
N ASP A 116 24.92 -1.73 -0.20
CA ASP A 116 24.61 -2.67 0.88
C ASP A 116 24.44 -4.05 0.28
N GLU A 117 24.78 -5.06 1.06
CA GLU A 117 24.50 -6.46 0.68
C GLU A 117 23.32 -6.96 1.50
N VAL A 118 22.49 -7.79 0.87
CA VAL A 118 21.39 -8.46 1.58
C VAL A 118 21.52 -9.96 1.35
N ILE A 119 21.63 -10.71 2.45
CA ILE A 119 21.69 -12.17 2.37
C ILE A 119 20.30 -12.77 2.22
N ILE A 120 20.16 -13.58 1.19
CA ILE A 120 18.91 -14.25 0.86
C ILE A 120 19.16 -15.76 0.81
N ILE A 121 18.28 -16.50 1.48
CA ILE A 121 18.40 -17.96 1.59
C ILE A 121 17.54 -18.62 0.52
N GLU A 122 18.17 -19.42 -0.35
CA GLU A 122 17.45 -20.15 -1.42
C GLU A 122 16.92 -21.49 -0.92
N PRO A 123 15.70 -21.87 -1.34
CA PRO A 123 14.79 -21.17 -2.24
C PRO A 123 14.09 -20.03 -1.49
N PHE A 124 13.93 -18.89 -2.16
CA PHE A 124 13.35 -17.73 -1.53
C PHE A 124 12.09 -17.27 -2.22
N PHE A 125 11.14 -16.80 -1.40
CA PHE A 125 9.97 -16.07 -1.88
C PHE A 125 10.47 -14.98 -2.83
N ASP A 126 9.97 -14.99 -4.08
CA ASP A 126 10.78 -14.42 -5.16
C ASP A 126 11.01 -12.92 -5.05
N CYS A 127 10.11 -12.20 -4.39
CA CYS A 127 10.24 -10.73 -4.31
C CYS A 127 11.46 -10.24 -3.54
N TYR A 128 12.09 -11.09 -2.73
CA TYR A 128 13.22 -10.57 -1.92
C TYR A 128 14.33 -10.02 -2.81
N GLU A 129 14.54 -10.66 -3.96
CA GLU A 129 15.60 -10.26 -4.88
C GLU A 129 15.31 -8.90 -5.54
N PRO A 130 14.19 -8.76 -6.28
CA PRO A 130 13.91 -7.44 -6.88
C PRO A 130 13.71 -6.32 -5.85
N MET A 131 13.21 -6.61 -4.65
CA MET A 131 13.06 -5.56 -3.66
C MET A 131 14.43 -5.07 -3.21
N THR A 132 15.37 -6.02 -3.05
CA THR A 132 16.75 -5.64 -2.74
C THR A 132 17.32 -4.76 -3.86
N MET A 133 17.10 -5.17 -5.10
CA MET A 133 17.60 -4.45 -6.28
C MET A 133 17.01 -3.05 -6.38
N MET A 134 15.70 -2.91 -6.18
CA MET A 134 15.08 -1.59 -6.30
C MET A 134 15.66 -0.61 -5.29
N ALA A 135 16.10 -1.11 -4.14
CA ALA A 135 16.65 -0.27 -3.08
C ALA A 135 18.17 -0.10 -3.22
N GLY A 136 18.71 -0.57 -4.34
CA GLY A 136 20.14 -0.35 -4.64
C GLY A 136 21.08 -1.37 -4.02
N GLY A 137 20.52 -2.37 -3.33
CA GLY A 137 21.32 -3.40 -2.68
C GLY A 137 21.81 -4.48 -3.63
N ARG A 138 22.82 -5.24 -3.20
CA ARG A 138 23.36 -6.37 -3.93
C ARG A 138 22.94 -7.64 -3.21
N PRO A 139 22.05 -8.45 -3.84
CA PRO A 139 21.64 -9.71 -3.23
C PRO A 139 22.82 -10.67 -3.17
N VAL A 140 22.95 -11.33 -2.03
CA VAL A 140 23.98 -12.34 -1.81
C VAL A 140 23.22 -13.62 -1.45
N PHE A 141 23.47 -14.69 -2.19
CA PHE A 141 22.65 -15.90 -2.08
C PHE A 141 23.36 -17.04 -1.40
N VAL A 142 22.66 -17.68 -0.46
CA VAL A 142 23.14 -18.93 0.14
C VAL A 142 22.05 -20.00 -0.03
N SER A 143 22.43 -21.19 -0.49
CA SER A 143 21.44 -22.23 -0.78
C SER A 143 21.32 -23.26 0.33
N LEU A 144 20.08 -23.54 0.73
CA LEU A 144 19.81 -24.71 1.57
C LEU A 144 20.19 -25.94 0.75
N LYS A 145 20.75 -26.94 1.42
CA LYS A 145 21.23 -28.13 0.71
C LYS A 145 20.49 -29.36 1.21
N PRO A 146 19.79 -30.08 0.30
CA PRO A 146 19.09 -31.30 0.71
C PRO A 146 20.03 -32.39 1.20
N GLY A 147 19.68 -32.99 2.34
CA GLY A 147 20.42 -34.13 2.89
C GLY A 147 20.07 -35.42 2.16
N PRO A 148 20.70 -36.53 2.56
CA PRO A 148 20.59 -37.79 1.81
C PRO A 148 19.23 -38.46 1.97
N ILE A 149 18.68 -38.96 0.86
CA ILE A 149 17.49 -39.82 0.88
C ILE A 149 17.56 -40.91 -0.19
N GLN A 150 17.14 -42.13 0.17
CA GLN A 150 17.22 -43.27 -0.74
C GLN A 150 15.95 -43.47 -1.59
N ASN A 151 15.99 -44.49 -2.46
CA ASN A 151 14.84 -44.87 -3.29
C ASN A 151 13.65 -45.36 -2.45
N GLY A 152 13.92 -45.71 -1.20
CA GLY A 152 12.90 -46.22 -0.29
C GLY A 152 11.98 -45.20 0.35
N GLU A 153 12.51 -44.03 0.70
CA GLU A 153 11.75 -43.05 1.47
C GLU A 153 11.79 -41.62 0.92
N LEU A 154 10.89 -40.79 1.43
CA LEU A 154 10.78 -39.40 0.99
C LEU A 154 11.68 -38.48 1.78
N GLY A 155 12.16 -37.43 1.13
CA GLY A 155 12.88 -36.37 1.81
C GLY A 155 11.98 -35.57 2.73
N SER A 156 12.61 -34.85 3.65
CA SER A 156 11.90 -33.95 4.55
C SER A 156 12.55 -32.59 4.40
N SER A 157 11.73 -31.55 4.48
CA SER A 157 12.19 -30.15 4.40
C SER A 157 13.17 -29.84 5.52
N SER A 158 12.95 -30.48 6.67
CA SER A 158 13.80 -30.32 7.85
C SER A 158 15.26 -30.67 7.54
N ASN A 159 15.47 -31.52 6.54
CA ASN A 159 16.80 -31.98 6.18
C ASN A 159 17.52 -31.19 5.10
N TRP A 160 16.90 -30.09 4.64
CA TRP A 160 17.58 -29.12 3.81
C TRP A 160 18.37 -28.23 4.77
N GLN A 161 19.69 -28.29 4.63
CA GLN A 161 20.59 -27.73 5.62
C GLN A 161 21.16 -26.38 5.21
N LEU A 162 21.34 -25.53 6.21
CA LEU A 162 22.04 -24.28 6.05
C LEU A 162 23.42 -24.48 6.63
N ASP A 163 24.40 -24.67 5.75
CA ASP A 163 25.77 -24.95 6.17
C ASP A 163 26.36 -23.77 6.93
N PRO A 164 26.73 -23.99 8.21
CA PRO A 164 27.19 -22.87 9.03
C PRO A 164 28.39 -22.12 8.46
N MET A 165 29.33 -22.84 7.86
CA MET A 165 30.52 -22.17 7.32
C MET A 165 30.24 -21.44 6.01
N GLU A 166 29.39 -22.04 5.17
CA GLU A 166 28.88 -21.37 3.97
C GLU A 166 28.18 -20.06 4.33
N LEU A 167 27.28 -20.14 5.32
CA LEU A 167 26.51 -18.97 5.73
C LEU A 167 27.42 -17.89 6.31
N ALA A 168 28.34 -18.29 7.20
CA ALA A 168 29.28 -17.35 7.81
C ALA A 168 30.10 -16.57 6.78
N GLY A 169 30.52 -17.25 5.72
CA GLY A 169 31.31 -16.66 4.65
C GLY A 169 30.59 -15.66 3.77
N LYS A 170 29.26 -15.64 3.86
CA LYS A 170 28.47 -14.73 3.06
C LYS A 170 28.48 -13.36 3.68
N PHE A 171 28.70 -13.31 4.99
CA PHE A 171 28.72 -12.06 5.76
C PHE A 171 29.99 -11.26 5.46
N THR A 172 29.82 -9.96 5.22
CA THR A 172 30.93 -9.03 4.99
C THR A 172 30.62 -7.73 5.72
N SER A 173 31.57 -6.80 5.70
CA SER A 173 31.36 -5.47 6.25
C SER A 173 30.18 -4.74 5.59
N ARG A 174 29.78 -5.21 4.40
CA ARG A 174 28.71 -4.55 3.63
C ARG A 174 27.35 -5.16 3.90
N THR A 175 27.29 -6.24 4.67
CA THR A 175 26.00 -6.88 4.91
C THR A 175 25.12 -5.97 5.76
N LYS A 176 23.97 -5.60 5.19
CA LYS A 176 23.02 -4.74 5.88
C LYS A 176 21.94 -5.58 6.56
N ALA A 177 21.43 -6.56 5.81
CA ALA A 177 20.32 -7.39 6.28
C ALA A 177 20.45 -8.83 5.82
N LEU A 178 19.81 -9.74 6.56
CA LEU A 178 19.64 -11.13 6.14
C LEU A 178 18.13 -11.34 6.17
N VAL A 179 17.57 -11.91 5.10
CA VAL A 179 16.12 -12.16 5.06
C VAL A 179 15.88 -13.61 5.43
N LEU A 180 15.14 -13.84 6.53
CA LEU A 180 14.83 -15.18 6.97
C LEU A 180 13.35 -15.40 6.76
N ASN A 181 13.00 -16.48 6.07
CA ASN A 181 11.59 -16.81 5.89
C ASN A 181 11.32 -18.17 6.53
N THR A 182 10.61 -18.16 7.66
CA THR A 182 10.21 -19.41 8.33
C THR A 182 8.79 -19.32 8.92
N PRO A 183 7.95 -20.34 8.62
CA PRO A 183 8.20 -21.45 7.70
C PRO A 183 8.41 -20.95 6.28
N ASN A 184 9.24 -21.67 5.54
CA ASN A 184 9.70 -21.23 4.23
C ASN A 184 8.69 -21.54 3.13
N ASN A 185 8.43 -20.56 2.28
CA ASN A 185 7.78 -20.73 0.99
C ASN A 185 8.92 -20.62 -0.05
N PRO A 186 9.10 -21.62 -0.95
CA PRO A 186 8.27 -22.76 -1.36
C PRO A 186 8.49 -24.09 -0.67
N LEU A 187 9.53 -24.19 0.17
CA LEU A 187 10.04 -25.52 0.59
C LEU A 187 9.26 -26.13 1.75
N GLY A 188 8.74 -25.28 2.63
CA GLY A 188 8.00 -25.72 3.80
C GLY A 188 8.88 -26.10 4.97
N LYS A 189 10.13 -25.64 4.95
CA LYS A 189 11.03 -25.83 6.08
C LYS A 189 10.66 -24.97 7.27
N VAL A 190 10.68 -25.57 8.45
CA VAL A 190 10.51 -24.86 9.71
C VAL A 190 11.88 -24.84 10.38
N PHE A 191 12.47 -23.66 10.53
CA PHE A 191 13.83 -23.55 11.06
C PHE A 191 13.86 -23.94 12.52
N SER A 192 14.83 -24.78 12.86
CA SER A 192 14.99 -25.23 14.24
C SER A 192 15.63 -24.13 15.09
N ARG A 193 15.50 -24.30 16.40
CA ARG A 193 16.18 -23.44 17.36
C ARG A 193 17.69 -23.35 17.06
N GLU A 194 18.33 -24.48 16.80
CA GLU A 194 19.76 -24.50 16.46
C GLU A 194 20.07 -23.62 15.26
N GLU A 195 19.30 -23.82 14.18
CA GLU A 195 19.48 -23.05 12.95
C GLU A 195 19.27 -21.55 13.20
N LEU A 196 18.30 -21.21 14.03
CA LEU A 196 18.03 -19.81 14.34
C LEU A 196 19.15 -19.21 15.19
N GLU A 197 19.68 -20.01 16.10
CA GLU A 197 20.78 -19.54 16.95
C GLU A 197 22.01 -19.22 16.12
N LEU A 198 22.24 -20.01 15.06
CA LEU A 198 23.33 -19.78 14.12
C LEU A 198 23.14 -18.43 13.40
N VAL A 199 21.95 -18.21 12.86
CA VAL A 199 21.65 -16.96 12.16
C VAL A 199 21.82 -15.80 13.12
N ALA A 200 21.28 -15.96 14.32
CA ALA A 200 21.33 -14.94 15.36
C ALA A 200 22.77 -14.61 15.74
N SER A 201 23.59 -15.64 15.88
CA SER A 201 25.00 -15.44 16.26
C SER A 201 25.75 -14.57 15.23
N LEU A 202 25.56 -14.86 13.93
CA LEU A 202 26.22 -14.12 12.84
C LEU A 202 25.67 -12.70 12.65
N CYS A 203 24.36 -12.55 12.83
CA CYS A 203 23.76 -11.22 12.80
C CYS A 203 24.30 -10.33 13.94
N GLN A 204 24.52 -10.93 15.11
CA GLN A 204 25.07 -10.19 16.25
C GLN A 204 26.55 -9.87 16.04
N GLN A 205 27.30 -10.84 15.54
CA GLN A 205 28.74 -10.69 15.32
C GLN A 205 29.03 -9.58 14.32
N HIS A 206 28.24 -9.56 13.25
CA HIS A 206 28.47 -8.63 12.13
C HIS A 206 27.59 -7.39 12.14
N ASP A 207 26.76 -7.24 13.17
CA ASP A 207 25.82 -6.11 13.27
C ASP A 207 24.92 -6.01 12.04
N VAL A 208 24.11 -7.05 11.85
CA VAL A 208 23.24 -7.18 10.70
C VAL A 208 21.80 -7.23 11.23
N VAL A 209 20.86 -6.66 10.46
CA VAL A 209 19.44 -6.71 10.81
C VAL A 209 18.83 -7.96 10.20
N CYS A 210 18.06 -8.71 11.00
CA CYS A 210 17.36 -9.86 10.46
C CYS A 210 15.91 -9.45 10.17
N ILE A 211 15.58 -9.47 8.89
CA ILE A 211 14.20 -9.25 8.44
C ILE A 211 13.59 -10.64 8.37
N THR A 212 12.64 -10.91 9.27
CA THR A 212 12.07 -12.25 9.39
C THR A 212 10.59 -12.31 8.96
N ASP A 213 10.38 -13.05 7.87
CA ASP A 213 9.08 -13.18 7.22
C ASP A 213 8.42 -14.42 7.82
N GLU A 214 7.47 -14.18 8.73
CA GLU A 214 6.85 -15.27 9.49
C GLU A 214 5.38 -15.41 9.16
N VAL A 215 5.01 -15.12 7.91
CA VAL A 215 3.59 -15.14 7.55
C VAL A 215 2.93 -16.50 7.82
N TYR A 216 3.72 -17.58 7.68
CA TYR A 216 3.18 -18.94 7.89
C TYR A 216 3.31 -19.51 9.31
N GLN A 217 3.53 -18.62 10.27
CA GLN A 217 3.67 -18.94 11.70
C GLN A 217 2.78 -20.06 12.21
N TRP A 218 1.51 -20.02 11.80
CA TRP A 218 0.53 -20.93 12.38
C TRP A 218 0.48 -22.24 11.63
N MET A 219 1.03 -22.26 10.43
CA MET A 219 0.95 -23.42 9.57
C MET A 219 2.16 -24.31 9.78
N VAL A 220 2.13 -25.05 10.89
CA VAL A 220 3.19 -25.98 11.24
C VAL A 220 2.57 -27.36 11.53
N TYR A 221 3.33 -28.40 11.19
CA TYR A 221 2.81 -29.77 11.16
C TYR A 221 3.68 -30.70 11.97
N ASP A 222 3.14 -31.90 12.22
CA ASP A 222 3.90 -32.99 12.83
C ASP A 222 4.59 -32.62 14.15
N GLY A 223 3.96 -31.74 14.94
CA GLY A 223 4.49 -31.32 16.24
C GLY A 223 5.65 -30.35 16.17
N HIS A 224 6.00 -29.89 14.97
CA HIS A 224 7.07 -28.90 14.83
C HIS A 224 6.59 -27.55 15.38
N GLN A 225 7.49 -26.84 16.05
CA GLN A 225 7.17 -25.57 16.69
C GLN A 225 7.74 -24.41 15.89
N HIS A 226 6.92 -23.38 15.72
CA HIS A 226 7.40 -22.11 15.19
C HIS A 226 8.21 -21.37 16.25
N ILE A 227 9.47 -21.09 15.94
CA ILE A 227 10.29 -20.24 16.79
C ILE A 227 10.60 -18.93 16.05
N SER A 228 10.27 -17.82 16.70
CA SER A 228 10.60 -16.49 16.18
C SER A 228 12.00 -16.10 16.62
N ILE A 229 12.84 -15.75 15.65
CA ILE A 229 14.21 -15.35 15.95
C ILE A 229 14.27 -14.14 16.87
N ALA A 230 13.26 -13.26 16.82
CA ALA A 230 13.25 -12.04 17.65
C ALA A 230 13.11 -12.35 19.15
N SER A 231 12.73 -13.57 19.46
CA SER A 231 12.58 -14.03 20.86
C SER A 231 13.91 -14.50 21.44
N LEU A 232 14.91 -14.72 20.60
CA LEU A 232 16.24 -15.17 21.04
C LEU A 232 17.04 -14.05 21.72
N PRO A 233 17.92 -14.40 22.68
CA PRO A 233 18.65 -13.36 23.40
C PRO A 233 19.41 -12.40 22.49
N GLY A 234 19.19 -11.11 22.71
CA GLY A 234 19.88 -10.05 21.97
C GLY A 234 19.32 -9.79 20.58
N MET A 235 18.29 -10.53 20.19
CA MET A 235 17.80 -10.41 18.80
C MET A 235 16.73 -9.36 18.58
N TRP A 236 15.95 -9.05 19.61
CA TRP A 236 14.86 -8.08 19.47
C TRP A 236 15.37 -6.74 18.98
N GLU A 237 16.55 -6.34 19.44
CA GLU A 237 17.10 -5.05 19.07
C GLU A 237 17.66 -5.00 17.64
N ARG A 238 17.62 -6.12 16.93
CA ARG A 238 18.13 -6.15 15.57
C ARG A 238 17.27 -6.99 14.60
N THR A 239 16.00 -7.16 14.95
CA THR A 239 15.12 -7.98 14.11
C THR A 239 13.84 -7.23 13.78
N LEU A 240 13.37 -7.41 12.53
CA LEU A 240 12.03 -6.99 12.13
C LEU A 240 11.24 -8.23 11.82
N THR A 241 10.10 -8.38 12.48
CA THR A 241 9.26 -9.57 12.36
C THR A 241 7.99 -9.20 11.59
N ILE A 242 7.74 -9.95 10.51
CA ILE A 242 6.64 -9.65 9.59
C ILE A 242 5.56 -10.74 9.63
N GLY A 243 4.30 -10.30 9.64
CA GLY A 243 3.15 -11.21 9.57
C GLY A 243 2.11 -10.72 8.54
N SER A 244 1.15 -11.60 8.25
CA SER A 244 0.11 -11.36 7.26
C SER A 244 -1.25 -11.81 7.79
N ALA A 245 -2.21 -10.89 7.84
CA ALA A 245 -3.57 -11.24 8.26
C ALA A 245 -4.14 -12.25 7.29
N GLY A 246 -3.84 -12.08 5.99
CA GLY A 246 -4.36 -12.96 4.96
C GLY A 246 -3.92 -14.41 5.12
N1 LLP A 247 5.85 -13.74 2.27
C2 LLP A 247 5.52 -15.04 1.93
C2' LLP A 247 6.59 -16.09 2.14
C3 LLP A 247 4.25 -15.32 1.42
O3 LLP A 247 4.02 -16.51 1.10
C4 LLP A 247 3.29 -14.29 1.29
C4' LLP A 247 1.79 -14.53 1.35
C5 LLP A 247 3.68 -12.99 1.59
C6 LLP A 247 4.93 -12.72 2.12
C5' LLP A 247 2.75 -11.83 1.42
OP4 LLP A 247 1.78 -11.53 2.38
P LLP A 247 0.49 -10.65 2.00
OP1 LLP A 247 -0.13 -10.37 3.33
OP2 LLP A 247 -0.40 -11.54 1.17
OP3 LLP A 247 0.96 -9.42 1.29
N LLP A 247 -2.63 -14.63 5.37
CA LLP A 247 -2.11 -15.98 5.56
CB LLP A 247 -0.58 -16.04 5.37
CG LLP A 247 -0.11 -15.48 4.00
CD LLP A 247 -0.52 -16.39 2.84
CE LLP A 247 -0.17 -15.78 1.48
NZ LLP A 247 1.34 -15.78 1.22
C LLP A 247 -2.55 -16.56 6.91
O LLP A 247 -2.72 -17.78 7.04
N THR A 248 -2.78 -15.68 7.89
CA THR A 248 -3.22 -16.07 9.25
C THR A 248 -4.69 -16.50 9.30
N PHE A 249 -5.56 -15.74 8.65
CA PHE A 249 -7.02 -15.99 8.70
C PHE A 249 -7.61 -16.54 7.39
N SER A 250 -6.75 -17.03 6.51
CA SER A 250 -7.19 -17.61 5.25
C SER A 250 -8.07 -16.62 4.48
N ALA A 251 -7.59 -15.38 4.39
CA ALA A 251 -8.32 -14.30 3.78
C ALA A 251 -7.33 -13.41 3.03
N THR A 252 -6.69 -14.00 2.00
CA THR A 252 -5.56 -13.32 1.36
C THR A 252 -5.94 -11.98 0.72
N GLY A 253 -7.18 -11.84 0.29
CA GLY A 253 -7.66 -10.59 -0.30
C GLY A 253 -7.81 -9.43 0.66
N TRP A 254 -7.61 -9.67 1.95
CA TRP A 254 -7.70 -8.58 2.91
C TRP A 254 -6.46 -7.70 2.86
N LYS A 255 -5.32 -8.32 2.56
CA LYS A 255 -4.04 -7.58 2.36
C LYS A 255 -3.77 -6.63 3.53
N VAL A 256 -3.77 -7.20 4.72
CA VAL A 256 -3.34 -6.48 5.93
C VAL A 256 -2.15 -7.23 6.52
N GLY A 257 -1.07 -6.51 6.83
CA GLY A 257 0.08 -7.14 7.47
C GLY A 257 0.64 -6.22 8.52
N TRP A 258 1.76 -6.62 9.09
CA TRP A 258 2.39 -5.80 10.14
C TRP A 258 3.86 -6.10 10.21
N VAL A 259 4.58 -5.14 10.79
CA VAL A 259 5.98 -5.33 11.18
C VAL A 259 6.08 -5.04 12.70
N LEU A 260 6.84 -5.89 13.39
CA LEU A 260 7.14 -5.73 14.81
C LEU A 260 8.63 -5.54 15.02
N GLY A 261 9.01 -4.56 15.84
CA GLY A 261 10.45 -4.36 16.01
C GLY A 261 10.79 -3.23 16.95
N PRO A 262 12.09 -3.04 17.22
CA PRO A 262 12.51 -2.01 18.18
C PRO A 262 12.37 -0.62 17.56
N ASP A 263 12.12 0.39 18.41
CA ASP A 263 11.86 1.77 17.95
C ASP A 263 12.98 2.32 17.08
N HIS A 264 14.24 2.03 17.41
CA HIS A 264 15.34 2.65 16.68
C HIS A 264 15.43 2.18 15.21
N ILE A 265 14.79 1.03 14.92
CA ILE A 265 14.72 0.58 13.52
C ILE A 265 13.35 0.96 12.96
N MET A 266 12.30 0.72 13.75
CA MET A 266 10.93 0.99 13.30
C MET A 266 10.69 2.44 12.87
N LYS A 267 11.36 3.39 13.51
CA LYS A 267 11.18 4.79 13.14
C LYS A 267 11.47 5.00 11.63
N HIS A 268 12.42 4.25 11.06
CA HIS A 268 12.74 4.40 9.64
C HIS A 268 11.66 3.82 8.73
N LEU A 269 11.07 2.70 9.18
CA LEU A 269 9.92 2.14 8.45
C LEU A 269 8.73 3.09 8.55
N ARG A 270 8.58 3.77 9.68
CA ARG A 270 7.54 4.79 9.82
C ARG A 270 7.77 5.93 8.81
N THR A 271 9.01 6.36 8.67
CA THR A 271 9.33 7.37 7.62
C THR A 271 8.92 6.91 6.22
N VAL A 272 9.24 5.67 5.87
CA VAL A 272 8.83 5.18 4.54
C VAL A 272 7.29 5.16 4.46
N HIS A 273 6.67 4.60 5.50
CA HIS A 273 5.22 4.45 5.51
C HIS A 273 4.49 5.77 5.30
N GLN A 274 4.89 6.79 6.07
CA GLN A 274 4.16 8.05 6.04
C GLN A 274 4.35 8.78 4.69
N ASN A 275 5.41 8.42 3.96
CA ASN A 275 5.72 8.99 2.66
C ASN A 275 5.37 8.10 1.49
N SER A 276 4.56 7.06 1.75
CA SER A 276 4.17 6.12 0.68
C SER A 276 2.71 5.75 0.67
N VAL A 277 2.19 5.34 1.81
CA VAL A 277 0.75 5.02 1.83
C VAL A 277 0.00 5.84 2.84
N PHE A 278 0.69 6.20 3.93
CA PHE A 278 0.14 6.99 5.04
C PHE A 278 -0.90 6.29 5.89
N HIS A 279 -2.02 5.90 5.29
CA HIS A 279 -3.04 5.12 6.01
C HIS A 279 -3.19 3.74 5.41
N CYS A 280 -3.39 2.73 6.28
CA CYS A 280 -3.99 1.47 5.82
C CYS A 280 -5.52 1.59 5.97
N PRO A 281 -6.29 0.80 5.19
CA PRO A 281 -7.75 0.91 5.31
C PRO A 281 -8.23 0.62 6.73
N THR A 282 -9.29 1.31 7.13
CA THR A 282 -9.78 1.21 8.51
C THR A 282 -10.50 -0.09 8.85
N GLN A 283 -11.43 -0.47 7.97
CA GLN A 283 -12.38 -1.53 8.28
C GLN A 283 -11.76 -2.93 8.26
N SER A 284 -10.89 -3.20 7.28
CA SER A 284 -10.18 -4.47 7.32
C SER A 284 -9.30 -4.58 8.58
N GLN A 285 -8.67 -3.47 9.00
CA GLN A 285 -7.92 -3.48 10.27
C GLN A 285 -8.81 -3.81 11.47
N ALA A 286 -10.02 -3.23 11.50
CA ALA A 286 -11.01 -3.55 12.55
C ALA A 286 -11.33 -5.04 12.53
N ALA A 287 -11.50 -5.59 11.32
CA ALA A 287 -11.81 -7.03 11.18
C ALA A 287 -10.67 -7.91 11.69
N VAL A 288 -9.45 -7.57 11.32
CA VAL A 288 -8.28 -8.28 11.80
C VAL A 288 -8.14 -8.19 13.34
N ALA A 289 -8.37 -7.01 13.92
CA ALA A 289 -8.32 -6.85 15.39
C ALA A 289 -9.33 -7.79 16.06
N GLU A 290 -10.55 -7.78 15.56
CA GLU A 290 -11.61 -8.66 16.11
C GLU A 290 -11.22 -10.13 15.98
N SER A 291 -10.59 -10.50 14.86
CA SER A 291 -10.21 -11.89 14.64
C SER A 291 -9.10 -12.35 15.60
N PHE A 292 -8.11 -11.48 15.85
CA PHE A 292 -7.07 -11.76 16.83
C PHE A 292 -7.62 -11.79 18.26
N GLU A 293 -8.61 -10.96 18.57
CA GLU A 293 -9.23 -11.00 19.90
C GLU A 293 -9.84 -12.37 20.12
N ARG A 294 -10.54 -12.87 19.09
CA ARG A 294 -11.16 -14.21 19.14
C ARG A 294 -10.12 -15.30 19.41
N GLU A 295 -9.01 -15.24 18.68
CA GLU A 295 -7.96 -16.24 18.80
C GLU A 295 -7.15 -16.11 20.09
N GLN A 296 -7.02 -14.89 20.61
CA GLN A 296 -6.33 -14.74 21.90
C GLN A 296 -7.16 -15.38 23.02
N LEU A 297 -8.46 -15.12 23.00
CA LEU A 297 -9.39 -15.68 23.98
C LEU A 297 -9.36 -17.21 24.00
N LEU A 298 -9.23 -17.81 22.82
CA LEU A 298 -9.23 -19.26 22.69
C LEU A 298 -7.81 -19.83 22.53
N PHE A 299 -6.79 -19.05 22.88
CA PHE A 299 -5.41 -19.48 22.63
C PHE A 299 -5.10 -20.88 23.18
N ARG A 300 -4.56 -21.73 22.29
CA ARG A 300 -4.21 -23.13 22.55
C ARG A 300 -5.38 -24.07 22.89
N GLN A 301 -6.60 -23.56 22.84
CA GLN A 301 -7.79 -24.39 23.03
C GLN A 301 -8.19 -25.12 21.73
N PRO A 302 -8.68 -26.36 21.85
CA PRO A 302 -9.13 -27.18 20.72
C PRO A 302 -10.04 -26.47 19.71
N SER A 303 -10.83 -25.51 20.18
CA SER A 303 -11.79 -24.84 19.32
C SER A 303 -11.17 -23.66 18.56
N SER A 304 -9.92 -23.34 18.86
CA SER A 304 -9.27 -22.20 18.21
C SER A 304 -8.92 -22.54 16.74
N TYR A 305 -8.97 -21.53 15.89
CA TYR A 305 -8.59 -21.66 14.49
C TYR A 305 -7.13 -22.06 14.39
N PHE A 306 -6.27 -21.47 15.21
CA PHE A 306 -4.82 -21.75 15.16
C PHE A 306 -4.45 -23.19 15.55
N VAL A 307 -5.38 -23.87 16.22
CA VAL A 307 -5.22 -25.31 16.44
C VAL A 307 -5.92 -26.13 15.33
N GLN A 308 -7.19 -25.84 15.07
CA GLN A 308 -7.98 -26.65 14.13
C GLN A 308 -7.48 -26.60 12.69
N PHE A 309 -7.16 -25.39 12.23
CA PHE A 309 -6.85 -25.20 10.81
C PHE A 309 -5.58 -25.92 10.36
N PRO A 310 -4.45 -25.74 11.08
CA PRO A 310 -3.27 -26.50 10.64
C PRO A 310 -3.45 -28.03 10.72
N GLN A 311 -4.29 -28.49 11.64
CA GLN A 311 -4.59 -29.93 11.72
C GLN A 311 -5.34 -30.41 10.48
N ALA A 312 -6.32 -29.60 10.06
CA ALA A 312 -7.07 -29.86 8.83
C ALA A 312 -6.14 -29.85 7.64
N MET A 313 -5.28 -28.84 7.56
CA MET A 313 -4.39 -28.74 6.41
C MET A 313 -3.31 -29.83 6.39
N GLN A 314 -2.92 -30.32 7.58
CA GLN A 314 -2.00 -31.45 7.63
C GLN A 314 -2.59 -32.66 6.91
N ARG A 315 -3.91 -32.83 7.03
CA ARG A 315 -4.60 -33.95 6.38
C ARG A 315 -4.60 -33.73 4.87
N CYS A 316 -4.80 -32.49 4.44
CA CYS A 316 -4.71 -32.18 3.02
C CYS A 316 -3.32 -32.45 2.45
N ARG A 317 -2.29 -32.03 3.21
CA ARG A 317 -0.91 -32.31 2.85
C ARG A 317 -0.68 -33.80 2.65
N ASP A 318 -1.15 -34.60 3.60
CA ASP A 318 -0.91 -36.04 3.58
C ASP A 318 -1.59 -36.70 2.38
N HIS A 319 -2.82 -36.27 2.12
CA HIS A 319 -3.57 -36.71 0.95
C HIS A 319 -2.75 -36.39 -0.30
N MET A 320 -2.28 -35.15 -0.43
CA MET A 320 -1.54 -34.77 -1.63
C MET A 320 -0.22 -35.54 -1.79
N ILE A 321 0.47 -35.76 -0.68
CA ILE A 321 1.73 -36.50 -0.75
C ILE A 321 1.51 -37.91 -1.31
N ARG A 322 0.47 -38.57 -0.82
CA ARG A 322 0.16 -39.92 -1.31
C ARG A 322 -0.25 -39.87 -2.79
N SER A 323 -1.20 -38.99 -3.10
CA SER A 323 -1.72 -38.91 -4.47
C SER A 323 -0.65 -38.64 -5.51
N LEU A 324 0.21 -37.65 -5.24
CA LEU A 324 1.17 -37.23 -6.26
C LEU A 324 2.18 -38.32 -6.63
N GLN A 325 2.48 -39.18 -5.67
CA GLN A 325 3.38 -40.32 -5.91
C GLN A 325 2.85 -41.31 -6.97
N SER A 326 1.54 -41.33 -7.19
CA SER A 326 0.93 -42.28 -8.14
C SER A 326 1.45 -42.12 -9.56
N VAL A 327 1.94 -40.93 -9.89
CA VAL A 327 2.45 -40.68 -11.22
C VAL A 327 3.97 -40.47 -11.26
N GLY A 328 4.62 -40.65 -10.12
CA GLY A 328 6.08 -40.69 -10.10
C GLY A 328 6.72 -39.42 -9.58
N LEU A 329 5.88 -38.45 -9.20
CA LEU A 329 6.38 -37.25 -8.52
C LEU A 329 6.89 -37.65 -7.12
N LYS A 330 7.99 -37.05 -6.67
CA LYS A 330 8.58 -37.40 -5.37
C LYS A 330 8.47 -36.25 -4.36
N PRO A 331 7.42 -36.25 -3.53
CA PRO A 331 7.26 -35.15 -2.58
C PRO A 331 8.38 -35.05 -1.53
N ILE A 332 8.71 -33.82 -1.15
CA ILE A 332 9.54 -33.58 0.03
C ILE A 332 8.57 -33.12 1.11
N ILE A 333 8.54 -33.87 2.21
CA ILE A 333 7.52 -33.62 3.22
C ILE A 333 7.83 -32.30 3.92
N PRO A 334 6.88 -31.33 3.86
CA PRO A 334 7.08 -30.05 4.57
C PRO A 334 6.62 -30.08 6.03
N GLN A 335 7.28 -29.29 6.87
CA GLN A 335 6.91 -29.17 8.26
C GLN A 335 6.02 -27.98 8.52
N GLY A 336 5.81 -27.15 7.50
CA GLY A 336 4.99 -25.97 7.65
C GLY A 336 4.69 -25.34 6.30
N SER A 337 3.92 -24.25 6.34
CA SER A 337 3.52 -23.48 5.15
C SER A 337 2.31 -24.11 4.46
N TYR A 338 1.91 -23.49 3.33
CA TYR A 338 0.81 -23.97 2.49
C TYR A 338 1.29 -24.98 1.44
N PHE A 339 2.61 -25.17 1.35
CA PHE A 339 3.27 -25.77 0.18
C PHE A 339 4.07 -27.06 0.41
N LEU A 340 4.16 -27.85 -0.65
CA LEU A 340 5.20 -28.86 -0.76
C LEU A 340 5.81 -28.79 -2.14
N ILE A 341 7.05 -29.24 -2.25
CA ILE A 341 7.68 -29.39 -3.55
C ILE A 341 7.84 -30.85 -3.87
N THR A 342 7.80 -31.17 -5.16
CA THR A 342 8.10 -32.53 -5.59
C THR A 342 9.30 -32.51 -6.51
N ASP A 343 10.18 -33.49 -6.31
CA ASP A 343 11.28 -33.71 -7.24
C ASP A 343 10.75 -34.32 -8.52
N ILE A 344 11.13 -33.75 -9.67
CA ILE A 344 10.73 -34.27 -10.99
C ILE A 344 11.90 -34.91 -11.75
N SER A 345 12.97 -35.24 -11.04
CA SER A 345 14.20 -35.76 -11.67
C SER A 345 13.91 -37.01 -12.52
N ASP A 346 12.97 -37.83 -12.07
CA ASP A 346 12.59 -39.02 -12.83
C ASP A 346 12.01 -38.68 -14.18
N PHE A 347 11.19 -37.63 -14.25
CA PHE A 347 10.66 -37.15 -15.53
C PHE A 347 11.77 -36.56 -16.40
N LYS A 348 12.69 -35.82 -15.77
CA LYS A 348 13.78 -35.22 -16.53
C LYS A 348 14.59 -36.31 -17.23
N ARG A 349 14.79 -37.42 -16.53
CA ARG A 349 15.56 -38.54 -17.09
C ARG A 349 14.82 -39.22 -18.24
N LYS A 350 13.52 -39.50 -18.03
CA LYS A 350 12.71 -40.24 -19.00
C LYS A 350 12.24 -39.37 -20.16
N MET A 351 12.03 -38.08 -19.88
CA MET A 351 11.48 -37.14 -20.84
C MET A 351 12.33 -35.88 -20.83
N PRO A 352 13.61 -35.98 -21.26
CA PRO A 352 14.53 -34.86 -21.13
C PRO A 352 14.23 -33.71 -22.09
N ASP A 353 13.60 -34.04 -23.21
CA ASP A 353 13.36 -33.09 -24.28
C ASP A 353 11.93 -32.59 -24.23
N LEU A 354 11.78 -31.37 -23.73
CA LEU A 354 10.48 -30.71 -23.71
C LEU A 354 10.58 -29.39 -24.44
N PRO A 355 9.47 -28.96 -25.08
CA PRO A 355 9.44 -27.66 -25.74
C PRO A 355 9.76 -26.54 -24.77
N GLY A 356 10.65 -25.64 -25.18
CA GLY A 356 11.01 -24.49 -24.36
C GLY A 356 11.87 -23.47 -25.08
N ALA A 357 12.15 -22.37 -24.41
CA ALA A 357 13.04 -21.35 -24.95
C ALA A 357 14.49 -21.74 -24.67
N VAL A 358 15.44 -20.99 -25.23
CA VAL A 358 16.85 -21.19 -24.94
C VAL A 358 17.12 -20.90 -23.48
N ASP A 359 17.80 -21.84 -22.82
CA ASP A 359 18.10 -21.79 -21.40
C ASP A 359 16.89 -21.70 -20.47
N GLU A 360 15.72 -22.11 -20.95
CA GLU A 360 14.56 -22.25 -20.07
C GLU A 360 14.73 -23.51 -19.20
N PRO A 361 14.81 -23.33 -17.87
CA PRO A 361 14.98 -24.48 -16.97
C PRO A 361 13.93 -25.57 -17.20
N TYR A 362 14.35 -26.82 -17.00
CA TYR A 362 13.48 -27.97 -17.24
C TYR A 362 12.15 -27.86 -16.49
N ASP A 363 12.20 -27.46 -15.23
CA ASP A 363 10.97 -27.39 -14.41
C ASP A 363 9.89 -26.48 -15.00
N ARG A 364 10.30 -25.35 -15.57
CA ARG A 364 9.37 -24.45 -16.26
C ARG A 364 8.75 -25.13 -17.48
N ARG A 365 9.56 -25.85 -18.26
CA ARG A 365 9.06 -26.62 -19.39
C ARG A 365 8.11 -27.73 -18.91
N PHE A 366 8.44 -28.36 -17.79
CA PHE A 366 7.65 -29.48 -17.27
C PHE A 366 6.29 -29.00 -16.77
N VAL A 367 6.26 -27.89 -16.04
CA VAL A 367 4.98 -27.34 -15.61
C VAL A 367 4.04 -27.00 -16.78
N LYS A 368 4.60 -26.38 -17.83
CA LYS A 368 3.82 -26.11 -19.04
C LYS A 368 3.26 -27.40 -19.65
N TRP A 369 4.12 -28.41 -19.79
CA TRP A 369 3.72 -29.72 -20.30
C TRP A 369 2.60 -30.32 -19.45
N MET A 370 2.74 -30.21 -18.14
CA MET A 370 1.78 -30.79 -17.22
C MET A 370 0.42 -30.08 -17.27
N ILE A 371 0.45 -28.76 -17.32
CA ILE A 371 -0.78 -28.01 -17.46
C ILE A 371 -1.49 -28.44 -18.73
N LYS A 372 -0.77 -28.43 -19.85
CA LYS A 372 -1.39 -28.64 -21.16
C LYS A 372 -1.92 -30.05 -21.37
N ASN A 373 -1.17 -31.02 -20.85
CA ASN A 373 -1.45 -32.42 -21.11
C ASN A 373 -2.18 -33.15 -19.99
N LYS A 374 -1.95 -32.72 -18.75
CA LYS A 374 -2.46 -33.46 -17.58
C LYS A 374 -3.46 -32.69 -16.71
N GLY A 375 -3.55 -31.37 -16.93
CA GLY A 375 -4.58 -30.56 -16.26
C GLY A 375 -4.28 -30.28 -14.81
N LEU A 376 -3.00 -30.29 -14.44
CA LEU A 376 -2.58 -29.95 -13.08
C LEU A 376 -1.63 -28.77 -13.15
N VAL A 377 -1.85 -27.79 -12.28
CA VAL A 377 -0.94 -26.65 -12.19
C VAL A 377 -0.01 -26.79 -10.98
N ALA A 378 1.27 -26.51 -11.20
CA ALA A 378 2.24 -26.33 -10.12
C ALA A 378 3.09 -25.13 -10.51
N ILE A 379 3.99 -24.72 -9.63
CA ILE A 379 4.89 -23.59 -9.88
C ILE A 379 6.30 -24.10 -9.97
N PRO A 380 7.02 -23.77 -11.06
CA PRO A 380 8.40 -24.25 -11.15
C PRO A 380 9.25 -23.62 -10.06
N VAL A 381 9.99 -24.44 -9.32
CA VAL A 381 10.73 -23.94 -8.17
C VAL A 381 11.93 -23.07 -8.56
N SER A 382 12.34 -23.14 -9.84
CA SER A 382 13.45 -22.29 -10.30
C SER A 382 13.17 -20.79 -10.21
N ILE A 383 11.91 -20.40 -10.15
CA ILE A 383 11.62 -18.97 -9.94
C ILE A 383 12.02 -18.49 -8.52
N PHE A 384 12.33 -19.42 -7.63
CA PHE A 384 12.71 -19.09 -6.25
C PHE A 384 14.23 -19.20 -6.05
N TYR A 385 14.95 -19.21 -7.17
CA TYR A 385 16.41 -19.25 -7.19
C TYR A 385 17.01 -18.10 -7.96
N SER A 386 18.18 -17.64 -7.51
CA SER A 386 19.01 -16.74 -8.31
C SER A 386 19.27 -17.35 -9.69
N VAL A 387 19.35 -16.52 -10.73
CA VAL A 387 19.53 -17.02 -12.09
C VAL A 387 20.72 -17.99 -12.20
N PRO A 388 21.91 -17.63 -11.65
CA PRO A 388 23.05 -18.56 -11.75
C PRO A 388 22.80 -19.96 -11.16
N HIS A 389 21.86 -20.07 -10.22
CA HIS A 389 21.61 -21.35 -9.55
C HIS A 389 20.45 -22.15 -10.15
N GLN A 390 19.78 -21.57 -11.13
CA GLN A 390 18.60 -22.21 -11.71
C GLN A 390 18.94 -23.46 -12.54
N LYS A 391 20.16 -23.50 -13.06
CA LYS A 391 20.66 -24.65 -13.83
C LYS A 391 20.71 -25.89 -12.97
N HIS A 392 21.06 -25.71 -11.70
CA HIS A 392 21.25 -26.81 -10.77
C HIS A 392 19.93 -27.20 -10.11
N PHE A 393 19.16 -26.19 -9.72
CA PHE A 393 17.88 -26.42 -9.07
C PHE A 393 16.74 -26.26 -10.08
N ASP A 394 16.74 -27.16 -11.07
CA ASP A 394 15.82 -27.10 -12.20
C ASP A 394 14.83 -28.27 -12.20
N HIS A 395 14.79 -29.01 -11.11
CA HIS A 395 14.05 -30.26 -11.09
C HIS A 395 13.08 -30.41 -9.91
N TYR A 396 12.53 -29.28 -9.46
CA TYR A 396 11.50 -29.29 -8.43
C TYR A 396 10.32 -28.44 -8.88
N ILE A 397 9.10 -28.83 -8.48
CA ILE A 397 7.92 -27.98 -8.68
C ILE A 397 7.13 -27.88 -7.39
N ARG A 398 6.44 -26.74 -7.18
CA ARG A 398 5.71 -26.44 -5.96
C ARG A 398 4.21 -26.64 -6.14
N PHE A 399 3.62 -27.39 -5.21
CA PHE A 399 2.15 -27.54 -5.11
C PHE A 399 1.64 -26.89 -3.84
N CYS A 400 0.39 -26.43 -3.88
CA CYS A 400 -0.26 -25.89 -2.69
C CYS A 400 -1.40 -26.83 -2.30
N PHE A 401 -1.38 -27.31 -1.05
CA PHE A 401 -2.40 -28.28 -0.62
C PHE A 401 -3.51 -27.65 0.21
N VAL A 402 -3.50 -26.33 0.35
CA VAL A 402 -4.48 -25.63 1.15
C VAL A 402 -5.66 -25.40 0.23
N LYS A 403 -6.44 -26.48 0.04
CA LYS A 403 -7.50 -26.55 -0.95
C LYS A 403 -8.70 -27.30 -0.40
N ASP A 404 -9.87 -26.98 -0.95
CA ASP A 404 -11.14 -27.63 -0.62
C ASP A 404 -11.04 -29.12 -0.92
N GLU A 405 -11.76 -29.93 -0.13
CA GLU A 405 -11.84 -31.36 -0.38
C GLU A 405 -12.26 -31.72 -1.81
N ALA A 406 -13.12 -30.88 -2.39
CA ALA A 406 -13.56 -31.10 -3.77
C ALA A 406 -12.40 -30.91 -4.75
N THR A 407 -11.49 -30.00 -4.42
CA THR A 407 -10.35 -29.75 -5.27
C THR A 407 -9.38 -30.93 -5.22
N LEU A 408 -9.17 -31.47 -4.02
CA LEU A 408 -8.31 -32.65 -3.89
C LEU A 408 -8.93 -33.85 -4.61
N GLN A 409 -10.25 -34.00 -4.57
CA GLN A 409 -10.91 -35.05 -5.37
C GLN A 409 -10.64 -34.85 -6.86
N ALA A 410 -10.76 -33.60 -7.32
CA ALA A 410 -10.55 -33.26 -8.74
C ALA A 410 -9.08 -33.54 -9.12
N MET A 411 -8.15 -33.29 -8.19
CA MET A 411 -6.74 -33.64 -8.40
C MET A 411 -6.62 -35.13 -8.67
N ASP A 412 -7.29 -35.92 -7.84
CA ASP A 412 -7.25 -37.39 -7.99
C ASP A 412 -7.84 -37.86 -9.32
N GLU A 413 -8.87 -37.18 -9.82
CA GLU A 413 -9.42 -37.49 -11.15
C GLU A 413 -8.38 -37.21 -12.24
N LYS A 414 -7.67 -36.09 -12.16
CA LYS A 414 -6.61 -35.81 -13.13
C LYS A 414 -5.50 -36.87 -13.08
N LEU A 415 -5.16 -37.29 -11.87
CA LEU A 415 -4.10 -38.28 -11.70
C LEU A 415 -4.54 -39.63 -12.24
N ARG A 416 -5.82 -39.97 -12.08
CA ARG A 416 -6.37 -41.21 -12.64
C ARG A 416 -6.19 -41.17 -14.15
N LYS A 417 -6.53 -40.04 -14.74
CA LYS A 417 -6.44 -39.91 -16.19
C LYS A 417 -5.00 -39.96 -16.68
N TRP A 418 -4.10 -39.31 -15.97
CA TRP A 418 -2.67 -39.34 -16.26
C TRP A 418 -2.15 -40.78 -16.33
N LYS A 419 -2.48 -41.57 -15.30
CA LYS A 419 -2.01 -42.96 -15.24
C LYS A 419 -2.67 -43.86 -16.28
N VAL A 420 -3.99 -43.78 -16.41
CA VAL A 420 -4.74 -44.82 -17.13
C VAL A 420 -5.06 -44.50 -18.59
N GLU A 421 -5.02 -43.22 -18.95
CA GLU A 421 -5.48 -42.79 -20.28
C GLU A 421 -4.36 -42.46 -21.25
N LEU A 422 -4.63 -42.75 -22.52
CA LEU A 422 -3.77 -42.54 -23.70
C LEU A 422 -3.19 -43.84 -24.22
N GLN B 4 25.60 4.09 8.46
CA GLN B 4 24.16 4.38 8.73
C GLN B 4 23.30 3.13 8.66
N LEU B 5 22.43 2.96 9.65
CA LEU B 5 21.44 1.90 9.60
C LEU B 5 20.50 2.15 8.42
N GLN B 6 19.99 3.38 8.33
CA GLN B 6 18.92 3.67 7.39
C GLN B 6 19.42 4.15 6.03
N ALA B 7 18.58 3.97 5.02
CA ALA B 7 18.91 4.39 3.66
C ALA B 7 18.97 5.92 3.58
N ARG B 8 19.86 6.41 2.72
CA ARG B 8 20.03 7.86 2.51
C ARG B 8 18.78 8.48 1.92
N ARG B 9 17.94 7.67 1.27
CA ARG B 9 16.72 8.22 0.65
C ARG B 9 15.76 8.81 1.68
N LEU B 10 15.98 8.47 2.95
CA LEU B 10 15.12 8.95 4.06
C LEU B 10 15.57 10.31 4.59
N ASP B 11 16.71 10.79 4.09
CA ASP B 11 17.26 12.09 4.53
C ASP B 11 16.20 13.20 4.45
N GLY B 12 15.93 13.84 5.58
CA GLY B 12 15.10 15.05 5.59
C GLY B 12 13.63 14.83 5.46
N ILE B 13 13.19 13.57 5.47
CA ILE B 13 11.76 13.31 5.34
C ILE B 13 11.12 12.53 6.51
N ASP B 14 11.83 12.49 7.64
CA ASP B 14 11.30 11.80 8.81
C ASP B 14 10.23 12.57 9.54
N TYR B 15 10.17 13.89 9.35
CA TYR B 15 9.12 14.67 10.03
C TYR B 15 7.89 14.71 9.14
N ASN B 16 6.73 14.55 9.76
CA ASN B 16 5.46 14.67 9.05
C ASN B 16 4.53 15.55 9.88
N PRO B 17 4.03 16.63 9.27
CA PRO B 17 3.24 17.59 10.06
C PRO B 17 1.92 17.02 10.57
N TRP B 18 1.33 16.09 9.83
CA TRP B 18 0.03 15.52 10.22
C TRP B 18 0.19 14.65 11.44
N VAL B 19 1.24 13.85 11.47
CA VAL B 19 1.54 13.09 12.67
C VAL B 19 1.55 14.04 13.89
N GLU B 20 2.27 15.16 13.77
CA GLU B 20 2.31 16.17 14.85
C GLU B 20 0.95 16.77 15.19
N PHE B 21 0.22 17.20 14.16
CA PHE B 21 -0.99 17.99 14.33
C PHE B 21 -2.16 17.18 14.88
N VAL B 22 -2.29 15.94 14.43
CA VAL B 22 -3.35 15.02 14.88
C VAL B 22 -3.17 14.71 16.37
N LYS B 23 -1.91 14.55 16.80
CA LYS B 23 -1.59 14.33 18.22
C LYS B 23 -2.02 15.52 19.08
N LEU B 24 -1.69 16.72 18.62
CA LEU B 24 -2.02 17.95 19.34
C LEU B 24 -3.52 18.17 19.52
N ALA B 25 -4.29 17.95 18.44
CA ALA B 25 -5.73 18.14 18.48
C ALA B 25 -6.43 17.16 19.43
N SER B 26 -5.91 15.93 19.48
CA SER B 26 -6.47 14.88 20.33
C SER B 26 -6.24 15.11 21.83
N GLU B 27 -5.38 16.06 22.16
CA GLU B 27 -5.01 16.36 23.54
C GLU B 27 -5.88 17.47 24.17
N HIS B 28 -6.83 17.98 23.38
CA HIS B 28 -7.68 19.09 23.83
C HIS B 28 -9.13 18.96 23.35
N ASP B 29 -10.03 19.67 24.04
CA ASP B 29 -11.45 19.68 23.71
C ASP B 29 -11.77 20.67 22.58
N VAL B 30 -12.08 20.14 21.41
CA VAL B 30 -12.16 20.95 20.19
C VAL B 30 -13.32 20.60 19.23
N VAL B 31 -13.67 21.55 18.39
CA VAL B 31 -14.41 21.26 17.16
C VAL B 31 -13.32 21.11 16.11
N ASN B 32 -13.22 19.93 15.50
CA ASN B 32 -12.05 19.63 14.68
C ASN B 32 -12.29 19.90 13.21
N LEU B 33 -12.05 21.15 12.84
CA LEU B 33 -12.14 21.61 11.47
C LEU B 33 -10.81 21.42 10.72
N GLY B 34 -9.84 20.77 11.38
CA GLY B 34 -8.58 20.38 10.71
C GLY B 34 -8.65 19.08 9.93
N GLN B 35 -9.60 18.23 10.30
CA GLN B 35 -9.77 16.90 9.69
C GLN B 35 -10.36 17.03 8.29
N GLY B 36 -9.58 16.61 7.29
CA GLY B 36 -9.96 16.68 5.87
C GLY B 36 -10.75 15.45 5.45
N PHE B 37 -11.81 15.17 6.21
CA PHE B 37 -12.72 14.10 5.89
C PHE B 37 -14.05 14.34 6.55
N PRO B 38 -15.12 13.73 5.99
CA PRO B 38 -16.45 13.87 6.57
C PRO B 38 -16.55 13.27 7.98
N ASP B 39 -17.37 13.88 8.83
CA ASP B 39 -17.72 13.28 10.12
C ASP B 39 -19.19 12.84 10.12
N PHE B 40 -19.68 12.54 8.92
CA PHE B 40 -21.02 12.00 8.68
C PHE B 40 -20.86 10.78 7.77
N PRO B 41 -21.91 9.94 7.66
CA PRO B 41 -21.70 8.71 6.88
C PRO B 41 -21.51 8.94 5.38
N PRO B 42 -20.83 7.99 4.70
CA PRO B 42 -20.83 7.94 3.24
C PRO B 42 -22.28 7.71 2.78
N PRO B 43 -22.56 7.94 1.49
CA PRO B 43 -23.94 7.68 1.04
C PRO B 43 -24.32 6.21 1.20
N ASP B 44 -25.60 5.93 1.35
CA ASP B 44 -26.06 4.55 1.59
C ASP B 44 -25.59 3.57 0.51
N PHE B 45 -25.68 3.95 -0.76
CA PHE B 45 -25.26 3.05 -1.84
C PHE B 45 -23.80 2.60 -1.70
N ALA B 46 -22.95 3.47 -1.19
CA ALA B 46 -21.54 3.11 -1.00
C ALA B 46 -21.35 2.13 0.16
N VAL B 47 -21.94 2.43 1.31
CA VAL B 47 -21.84 1.54 2.45
C VAL B 47 -22.45 0.18 2.10
N GLU B 48 -23.60 0.21 1.40
CA GLU B 48 -24.24 -1.04 0.99
C GLU B 48 -23.34 -1.84 0.05
N ALA B 49 -22.64 -1.13 -0.86
CA ALA B 49 -21.71 -1.79 -1.78
C ALA B 49 -20.63 -2.56 -1.03
N PHE B 50 -20.10 -1.99 0.05
CA PHE B 50 -19.06 -2.66 0.83
C PHE B 50 -19.68 -3.83 1.59
N GLN B 51 -20.87 -3.63 2.15
CA GLN B 51 -21.58 -4.73 2.80
C GLN B 51 -21.79 -5.89 1.83
N HIS B 52 -22.15 -5.58 0.58
CA HIS B 52 -22.35 -6.65 -0.42
C HIS B 52 -21.06 -7.40 -0.70
N ALA B 53 -19.96 -6.65 -0.79
CA ALA B 53 -18.66 -7.22 -1.11
C ALA B 53 -18.18 -8.20 -0.03
N VAL B 54 -18.54 -7.92 1.21
CA VAL B 54 -18.09 -8.78 2.30
C VAL B 54 -19.13 -9.85 2.68
N SER B 55 -20.25 -9.87 1.97
CA SER B 55 -21.28 -10.88 2.23
C SER B 55 -21.63 -11.68 0.98
N GLY B 56 -20.89 -11.47 -0.10
CA GLY B 56 -21.15 -12.15 -1.36
C GLY B 56 -20.27 -13.37 -1.61
N ASP B 57 -19.78 -13.48 -2.84
CA ASP B 57 -18.89 -14.58 -3.27
C ASP B 57 -17.74 -14.71 -2.27
N PHE B 58 -17.60 -15.88 -1.65
CA PHE B 58 -16.64 -16.03 -0.57
C PHE B 58 -15.21 -15.85 -1.10
N MET B 59 -15.03 -16.06 -2.40
CA MET B 59 -13.70 -15.93 -3.00
C MET B 59 -13.24 -14.48 -3.09
N LEU B 60 -14.14 -13.53 -2.84
CA LEU B 60 -13.72 -12.12 -2.76
C LEU B 60 -12.83 -11.91 -1.52
N ASN B 61 -12.78 -12.88 -0.60
CA ASN B 61 -11.84 -12.83 0.53
C ASN B 61 -10.41 -13.17 0.16
N GLN B 62 -10.18 -13.58 -1.09
CA GLN B 62 -8.84 -14.02 -1.51
C GLN B 62 -8.31 -13.03 -2.53
N TYR B 63 -7.02 -13.16 -2.84
CA TYR B 63 -6.35 -12.25 -3.76
C TYR B 63 -7.16 -12.01 -5.03
N THR B 64 -7.11 -10.77 -5.51
CA THR B 64 -7.52 -10.48 -6.89
C THR B 64 -6.32 -10.18 -7.79
N LYS B 65 -6.60 -9.69 -9.00
CA LYS B 65 -5.53 -9.45 -9.97
C LYS B 65 -4.64 -8.29 -9.56
N THR B 66 -3.36 -8.46 -9.84
CA THR B 66 -2.35 -7.51 -9.39
C THR B 66 -2.63 -6.06 -9.75
N PHE B 67 -3.06 -5.79 -11.00
CA PHE B 67 -3.19 -4.38 -11.39
C PHE B 67 -4.61 -3.81 -11.20
N GLY B 68 -5.46 -4.62 -10.60
CA GLY B 68 -6.80 -4.19 -10.18
C GLY B 68 -7.88 -5.24 -10.33
N TYR B 69 -8.86 -5.16 -9.42
CA TYR B 69 -10.06 -5.98 -9.49
C TYR B 69 -10.72 -5.70 -10.83
N PRO B 70 -10.84 -6.73 -11.70
CA PRO B 70 -11.33 -6.42 -13.06
C PRO B 70 -12.62 -5.59 -13.18
N PRO B 71 -13.68 -5.90 -12.40
CA PRO B 71 -14.88 -5.02 -12.46
C PRO B 71 -14.58 -3.56 -12.12
N LEU B 72 -13.59 -3.32 -11.27
CA LEU B 72 -13.22 -1.92 -10.98
C LEU B 72 -12.44 -1.29 -12.14
N THR B 73 -11.45 -2.00 -12.71
CA THR B 73 -10.71 -1.38 -13.83
C THR B 73 -11.64 -1.15 -15.02
N LYS B 74 -12.60 -2.04 -15.21
CA LYS B 74 -13.53 -1.92 -16.34
C LYS B 74 -14.36 -0.64 -16.23
N ILE B 75 -14.96 -0.42 -15.06
CA ILE B 75 -15.78 0.78 -14.87
C ILE B 75 -14.94 2.07 -14.81
N LEU B 76 -13.75 2.02 -14.21
CA LEU B 76 -12.87 3.19 -14.28
C LEU B 76 -12.59 3.57 -15.73
N ALA B 77 -12.23 2.58 -16.55
CA ALA B 77 -11.87 2.81 -17.93
C ALA B 77 -13.05 3.35 -18.73
N SER B 78 -14.25 2.83 -18.45
CA SER B 78 -15.46 3.25 -19.14
C SER B 78 -15.91 4.66 -18.75
N PHE B 79 -16.02 4.88 -17.45
CA PHE B 79 -16.54 6.13 -16.91
C PHE B 79 -15.55 7.26 -17.16
N PHE B 80 -14.28 7.06 -16.78
CA PHE B 80 -13.30 8.11 -16.98
C PHE B 80 -12.91 8.30 -18.45
N GLY B 81 -13.04 7.24 -19.25
CA GLY B 81 -12.81 7.39 -20.69
C GLY B 81 -13.81 8.37 -21.27
N GLU B 82 -15.05 8.26 -20.81
CA GLU B 82 -16.12 9.14 -21.25
C GLU B 82 -15.81 10.56 -20.81
N LEU B 83 -15.45 10.74 -19.54
CA LEU B 83 -15.15 12.06 -19.00
C LEU B 83 -13.95 12.74 -19.66
N LEU B 84 -12.94 11.95 -20.02
CA LEU B 84 -11.71 12.48 -20.60
C LEU B 84 -11.75 12.55 -22.11
N GLY B 85 -12.77 11.95 -22.72
CA GLY B 85 -12.88 11.90 -24.19
C GLY B 85 -11.74 11.07 -24.74
N GLN B 86 -11.49 9.94 -24.08
CA GLN B 86 -10.33 9.12 -24.35
C GLN B 86 -10.71 7.65 -24.27
N GLU B 87 -10.19 6.86 -25.21
CA GLU B 87 -10.32 5.42 -25.18
C GLU B 87 -9.32 4.87 -24.16
N ILE B 88 -9.84 4.33 -23.05
CA ILE B 88 -9.01 3.80 -21.96
C ILE B 88 -9.15 2.28 -21.88
N ASP B 89 -8.01 1.62 -22.00
CA ASP B 89 -7.86 0.16 -21.93
C ASP B 89 -7.67 -0.20 -20.45
N PRO B 90 -8.63 -0.94 -19.85
CA PRO B 90 -8.52 -1.21 -18.42
C PRO B 90 -7.25 -1.94 -18.02
N LEU B 91 -6.70 -2.77 -18.91
CA LEU B 91 -5.52 -3.54 -18.59
C LEU B 91 -4.20 -2.76 -18.73
N ARG B 92 -4.17 -1.82 -19.67
CA ARG B 92 -2.93 -1.13 -20.00
C ARG B 92 -2.86 0.30 -19.49
N ASN B 93 -4.03 0.88 -19.17
CA ASN B 93 -4.11 2.31 -18.86
C ASN B 93 -4.67 2.64 -17.47
N VAL B 94 -4.97 1.60 -16.67
CA VAL B 94 -5.54 1.77 -15.32
C VAL B 94 -4.71 0.95 -14.34
N LEU B 95 -4.34 1.56 -13.21
CA LEU B 95 -3.75 0.83 -12.08
C LEU B 95 -4.52 1.19 -10.82
N VAL B 96 -4.98 0.20 -10.08
CA VAL B 96 -5.64 0.48 -8.79
C VAL B 96 -4.54 0.50 -7.72
N THR B 97 -4.62 1.48 -6.82
CA THR B 97 -3.58 1.74 -5.83
C THR B 97 -4.20 1.87 -4.42
N VAL B 98 -3.32 1.93 -3.42
CA VAL B 98 -3.71 2.16 -2.02
C VAL B 98 -3.92 3.68 -1.84
N GLY B 99 -5.10 4.13 -2.26
CA GLY B 99 -5.46 5.54 -2.16
C GLY B 99 -4.81 6.39 -3.25
N GLY B 100 -5.30 7.61 -3.35
CA GLY B 100 -4.62 8.68 -4.09
C GLY B 100 -3.18 8.83 -3.61
N TYR B 101 -2.96 8.65 -2.31
CA TYR B 101 -1.61 8.80 -1.76
C TYR B 101 -0.65 7.76 -2.35
N GLY B 102 -1.06 6.49 -2.33
CA GLY B 102 -0.23 5.42 -2.93
C GLY B 102 -0.04 5.62 -4.42
N ALA B 103 -1.07 6.15 -5.08
CA ALA B 103 -0.98 6.45 -6.52
C ALA B 103 0.13 7.47 -6.78
N LEU B 104 0.16 8.55 -6.00
CA LEU B 104 1.25 9.53 -6.11
C LEU B 104 2.59 8.85 -5.88
N PHE B 105 2.69 8.08 -4.80
CA PHE B 105 3.96 7.43 -4.50
C PHE B 105 4.43 6.57 -5.67
N THR B 106 3.49 5.83 -6.24
CA THR B 106 3.82 4.93 -7.36
C THR B 106 4.35 5.73 -8.55
N ALA B 107 3.71 6.87 -8.84
CA ALA B 107 4.13 7.76 -9.94
C ALA B 107 5.55 8.30 -9.69
N PHE B 108 5.81 8.81 -8.48
CA PHE B 108 7.15 9.34 -8.19
C PHE B 108 8.23 8.26 -8.28
N GLN B 109 7.96 7.09 -7.70
CA GLN B 109 8.95 6.01 -7.70
C GLN B 109 9.22 5.45 -9.09
N ALA B 110 8.23 5.57 -9.97
CA ALA B 110 8.37 5.07 -11.36
C ALA B 110 9.19 6.01 -12.21
N LEU B 111 8.99 7.32 -12.02
CA LEU B 111 9.49 8.31 -13.00
C LEU B 111 10.62 9.20 -12.51
N VAL B 112 10.69 9.45 -11.21
CA VAL B 112 11.64 10.43 -10.71
C VAL B 112 12.94 9.74 -10.30
N ASP B 113 14.05 10.28 -10.78
CA ASP B 113 15.35 9.65 -10.57
C ASP B 113 16.31 10.70 -10.04
N GLU B 114 17.47 10.24 -9.59
CA GLU B 114 18.52 11.11 -9.08
C GLU B 114 18.83 12.20 -10.07
N GLY B 115 18.71 13.43 -9.59
CA GLY B 115 19.07 14.57 -10.40
C GLY B 115 17.91 15.23 -11.13
N ASP B 116 16.78 14.52 -11.29
CA ASP B 116 15.62 15.11 -11.96
C ASP B 116 15.06 16.25 -11.14
N GLU B 117 14.53 17.25 -11.81
CA GLU B 117 13.71 18.28 -11.15
C GLU B 117 12.22 17.95 -11.30
N VAL B 118 11.45 18.30 -10.25
CA VAL B 118 10.00 18.17 -10.27
C VAL B 118 9.42 19.52 -9.87
N ILE B 119 8.59 20.08 -10.75
CA ILE B 119 7.94 21.37 -10.45
C ILE B 119 6.68 21.13 -9.62
N ILE B 120 6.62 21.85 -8.50
CA ILE B 120 5.51 21.78 -7.57
C ILE B 120 4.95 23.18 -7.40
N ILE B 121 3.62 23.26 -7.34
CA ILE B 121 2.90 24.56 -7.28
C ILE B 121 2.47 24.86 -5.84
N GLU B 122 2.97 25.98 -5.30
CA GLU B 122 2.61 26.38 -3.93
C GLU B 122 1.31 27.18 -3.95
N PRO B 123 0.39 26.92 -2.99
CA PRO B 123 0.51 25.94 -1.93
C PRO B 123 0.23 24.51 -2.41
N PHE B 124 1.04 23.57 -1.93
CA PHE B 124 0.96 22.18 -2.41
C PHE B 124 0.65 21.20 -1.29
N PHE B 125 -0.17 20.20 -1.62
CA PHE B 125 -0.40 19.08 -0.70
C PHE B 125 0.97 18.55 -0.31
N ASP B 126 1.23 18.47 1.00
CA ASP B 126 2.62 18.55 1.49
C ASP B 126 3.49 17.39 1.01
N CYS B 127 2.88 16.23 0.76
CA CYS B 127 3.66 15.04 0.44
C CYS B 127 4.44 15.12 -0.89
N TYR B 128 4.05 16.03 -1.78
CA TYR B 128 4.72 16.05 -3.10
C TYR B 128 6.22 16.27 -2.93
N GLU B 129 6.59 17.07 -1.93
CA GLU B 129 8.00 17.40 -1.69
C GLU B 129 8.82 16.19 -1.20
N PRO B 130 8.47 15.59 -0.02
CA PRO B 130 9.24 14.42 0.39
C PRO B 130 9.18 13.23 -0.57
N MET B 131 8.06 13.01 -1.28
CA MET B 131 8.04 11.94 -2.29
C MET B 131 9.02 12.21 -3.44
N THR B 132 9.14 13.49 -3.84
CA THR B 132 10.16 13.85 -4.83
C THR B 132 11.56 13.54 -4.27
N MET B 133 11.76 13.92 -3.00
CA MET B 133 13.08 13.76 -2.36
C MET B 133 13.47 12.30 -2.23
N MET B 134 12.51 11.46 -1.82
CA MET B 134 12.82 10.06 -1.61
C MET B 134 13.19 9.34 -2.89
N ALA B 135 12.72 9.87 -4.01
CA ALA B 135 13.03 9.31 -5.32
C ALA B 135 14.28 9.96 -5.97
N GLY B 136 14.94 10.82 -5.21
CA GLY B 136 16.23 11.42 -5.64
C GLY B 136 16.05 12.70 -6.42
N GLY B 137 14.81 13.16 -6.51
CA GLY B 137 14.47 14.36 -7.25
C GLY B 137 14.77 15.63 -6.49
N ARG B 138 14.82 16.73 -7.25
CA ARG B 138 15.01 18.06 -6.71
C ARG B 138 13.74 18.86 -6.90
N PRO B 139 13.01 19.14 -5.80
CA PRO B 139 11.78 19.94 -5.91
C PRO B 139 12.09 21.35 -6.39
N VAL B 140 11.29 21.83 -7.33
CA VAL B 140 11.40 23.20 -7.85
C VAL B 140 10.02 23.82 -7.65
N PHE B 141 9.96 25.01 -7.05
CA PHE B 141 8.66 25.56 -6.64
C PHE B 141 8.26 26.76 -7.47
N VAL B 142 7.03 26.73 -7.97
CA VAL B 142 6.40 27.92 -8.54
C VAL B 142 5.25 28.29 -7.59
N SER B 143 5.07 29.60 -7.35
CA SER B 143 4.13 30.04 -6.33
C SER B 143 2.96 30.78 -6.93
N LEU B 144 1.74 30.31 -6.66
CA LEU B 144 0.55 31.10 -6.99
C LEU B 144 0.65 32.46 -6.31
N LYS B 145 0.17 33.48 -7.02
CA LYS B 145 0.24 34.86 -6.55
C LYS B 145 -1.15 35.30 -6.07
N PRO B 146 -1.32 35.50 -4.75
CA PRO B 146 -2.61 35.97 -4.24
C PRO B 146 -3.02 37.27 -4.93
N GLY B 147 -4.26 37.33 -5.40
CA GLY B 147 -4.74 38.47 -6.18
C GLY B 147 -5.06 39.66 -5.29
N PRO B 148 -5.14 40.88 -5.87
CA PRO B 148 -5.51 42.03 -5.06
C PRO B 148 -6.95 41.93 -4.58
N ILE B 149 -7.19 42.33 -3.34
CA ILE B 149 -8.53 42.31 -2.76
C ILE B 149 -8.93 43.75 -2.44
N GLN B 150 -10.09 44.15 -2.97
CA GLN B 150 -10.53 45.53 -2.89
C GLN B 150 -11.94 45.66 -2.35
N ASN B 151 -12.33 46.89 -2.05
CA ASN B 151 -13.71 47.29 -1.77
C ASN B 151 -14.43 46.46 -0.70
N GLY B 152 -13.69 46.10 0.36
CA GLY B 152 -14.21 45.27 1.45
C GLY B 152 -14.59 43.85 1.08
N GLU B 153 -14.10 43.37 -0.06
CA GLU B 153 -14.47 42.06 -0.55
C GLU B 153 -13.63 40.97 0.09
N LEU B 154 -14.10 39.74 -0.05
CA LEU B 154 -13.28 38.59 0.26
C LEU B 154 -12.56 38.21 -1.02
N GLY B 155 -11.33 37.73 -0.86
CA GLY B 155 -10.60 37.12 -1.96
C GLY B 155 -11.30 35.86 -2.46
N SER B 156 -10.94 35.48 -3.69
CA SER B 156 -11.41 34.25 -4.31
C SER B 156 -10.19 33.42 -4.70
N SER B 157 -10.28 32.10 -4.52
CA SER B 157 -9.19 31.20 -4.93
C SER B 157 -8.85 31.30 -6.39
N SER B 158 -9.86 31.62 -7.20
CA SER B 158 -9.68 31.74 -8.65
C SER B 158 -8.66 32.82 -9.01
N ASN B 159 -8.54 33.81 -8.12
CA ASN B 159 -7.71 34.98 -8.37
C ASN B 159 -6.26 34.83 -7.90
N TRP B 160 -5.93 33.64 -7.39
CA TRP B 160 -4.53 33.32 -7.14
C TRP B 160 -3.92 32.87 -8.47
N GLN B 161 -2.95 33.66 -8.95
CA GLN B 161 -2.51 33.56 -10.34
C GLN B 161 -1.28 32.68 -10.53
N LEU B 162 -1.29 31.89 -11.61
CA LEU B 162 -0.13 31.14 -12.05
C LEU B 162 0.56 31.98 -13.12
N ASP B 163 1.62 32.70 -12.74
CA ASP B 163 2.24 33.65 -13.68
C ASP B 163 2.96 32.89 -14.81
N PRO B 164 2.62 33.20 -16.07
CA PRO B 164 3.29 32.48 -17.17
C PRO B 164 4.79 32.64 -17.25
N MET B 165 5.30 33.83 -16.91
CA MET B 165 6.74 34.05 -16.97
C MET B 165 7.42 33.27 -15.86
N GLU B 166 6.81 33.31 -14.67
CA GLU B 166 7.35 32.57 -13.53
C GLU B 166 7.37 31.07 -13.83
N LEU B 167 6.25 30.55 -14.33
CA LEU B 167 6.17 29.11 -14.59
C LEU B 167 7.17 28.73 -15.69
N ALA B 168 7.18 29.49 -16.79
CA ALA B 168 8.11 29.19 -17.87
C ALA B 168 9.55 29.15 -17.37
N GLY B 169 9.89 30.05 -16.44
CA GLY B 169 11.26 30.14 -15.91
C GLY B 169 11.70 28.95 -15.08
N LYS B 170 10.72 28.18 -14.58
CA LYS B 170 11.03 27.02 -13.73
C LYS B 170 11.34 25.76 -14.52
N PHE B 171 10.92 25.73 -15.79
CA PHE B 171 11.21 24.56 -16.65
C PHE B 171 12.65 24.62 -17.16
N THR B 172 13.34 23.48 -17.08
CA THR B 172 14.73 23.36 -17.52
C THR B 172 14.90 22.01 -18.20
N SER B 173 16.11 21.76 -18.72
CA SER B 173 16.39 20.48 -19.36
C SER B 173 16.31 19.33 -18.37
N ARG B 174 16.36 19.66 -17.07
CA ARG B 174 16.30 18.61 -16.04
C ARG B 174 14.91 18.34 -15.47
N THR B 175 13.91 19.12 -15.91
CA THR B 175 12.53 18.89 -15.46
C THR B 175 12.01 17.56 -15.98
N LYS B 176 11.62 16.68 -15.04
CA LYS B 176 11.08 15.37 -15.38
C LYS B 176 9.57 15.41 -15.33
N ALA B 177 9.04 16.05 -14.28
CA ALA B 177 7.60 16.06 -14.05
C ALA B 177 7.16 17.40 -13.47
N LEU B 178 5.89 17.74 -13.67
CA LEU B 178 5.24 18.85 -12.96
C LEU B 178 4.05 18.23 -12.24
N VAL B 179 3.85 18.61 -10.97
CA VAL B 179 2.71 18.06 -10.21
C VAL B 179 1.60 19.10 -10.16
N LEU B 180 0.46 18.74 -10.75
CA LEU B 180 -0.70 19.61 -10.75
C LEU B 180 -1.73 19.04 -9.78
N ASN B 181 -2.30 19.89 -8.94
CA ASN B 181 -3.39 19.47 -8.07
C ASN B 181 -4.57 20.38 -8.28
N THR B 182 -5.61 19.85 -8.93
CA THR B 182 -6.83 20.62 -9.12
C THR B 182 -8.07 19.75 -9.01
N PRO B 183 -9.08 20.18 -8.22
CA PRO B 183 -9.09 21.34 -7.33
C PRO B 183 -7.98 21.23 -6.26
N ASN B 184 -7.39 22.37 -5.92
CA ASN B 184 -6.21 22.40 -5.05
C ASN B 184 -6.57 22.27 -3.58
N ASN B 185 -5.82 21.42 -2.88
CA ASN B 185 -5.75 21.38 -1.42
C ASN B 185 -4.41 22.05 -1.08
N PRO B 186 -4.41 23.13 -0.25
CA PRO B 186 -5.45 23.66 0.64
C PRO B 186 -6.32 24.81 0.18
N LEU B 187 -6.02 25.35 -1.01
CA LEU B 187 -6.56 26.66 -1.41
C LEU B 187 -7.98 26.59 -1.95
N GLY B 188 -8.31 25.50 -2.63
CA GLY B 188 -9.65 25.35 -3.18
C GLY B 188 -9.77 25.94 -4.59
N LYS B 189 -8.63 26.24 -5.21
CA LYS B 189 -8.61 26.77 -6.57
C LYS B 189 -8.95 25.66 -7.56
N VAL B 190 -9.81 26.00 -8.53
CA VAL B 190 -10.16 25.12 -9.63
C VAL B 190 -9.50 25.71 -10.87
N PHE B 191 -8.46 25.04 -11.37
CA PHE B 191 -7.71 25.60 -12.50
C PHE B 191 -8.59 25.76 -13.75
N SER B 192 -8.44 26.91 -14.40
CA SER B 192 -9.19 27.22 -15.62
C SER B 192 -8.60 26.54 -16.84
N ARG B 193 -9.37 26.46 -17.91
CA ARG B 193 -8.86 25.96 -19.18
C ARG B 193 -7.59 26.70 -19.59
N GLU B 194 -7.61 28.03 -19.48
CA GLU B 194 -6.46 28.86 -19.82
C GLU B 194 -5.20 28.50 -18.99
N GLU B 195 -5.40 28.31 -17.70
CA GLU B 195 -4.29 27.93 -16.83
C GLU B 195 -3.74 26.55 -17.20
N LEU B 196 -4.64 25.62 -17.49
CA LEU B 196 -4.21 24.28 -17.93
C LEU B 196 -3.51 24.30 -19.27
N GLU B 197 -3.96 25.18 -20.17
CA GLU B 197 -3.30 25.33 -21.48
C GLU B 197 -1.87 25.83 -21.30
N LEU B 198 -1.68 26.71 -20.33
CA LEU B 198 -0.34 27.19 -19.99
C LEU B 198 0.56 26.02 -19.53
N VAL B 199 0.05 25.23 -18.60
CA VAL B 199 0.79 24.06 -18.13
C VAL B 199 1.06 23.07 -19.26
N ALA B 200 0.02 22.78 -20.05
CA ALA B 200 0.14 21.86 -21.17
C ALA B 200 1.18 22.31 -22.19
N SER B 201 1.17 23.60 -22.54
CA SER B 201 2.10 24.07 -23.55
C SER B 201 3.55 23.86 -23.10
N LEU B 202 3.83 24.13 -21.83
CA LEU B 202 5.19 24.00 -21.33
C LEU B 202 5.59 22.53 -21.18
N CYS B 203 4.65 21.68 -20.77
CA CYS B 203 4.94 20.25 -20.66
C CYS B 203 5.27 19.65 -22.04
N GLN B 204 4.58 20.13 -23.07
CA GLN B 204 4.85 19.66 -24.42
C GLN B 204 6.16 20.20 -24.97
N GLN B 205 6.41 21.51 -24.75
CA GLN B 205 7.64 22.13 -25.19
C GLN B 205 8.89 21.47 -24.60
N HIS B 206 8.83 21.16 -23.32
CA HIS B 206 9.96 20.59 -22.63
C HIS B 206 9.97 19.07 -22.50
N ASP B 207 8.93 18.42 -23.02
CA ASP B 207 8.78 16.98 -22.92
C ASP B 207 8.82 16.51 -21.46
N VAL B 208 7.84 17.02 -20.72
CA VAL B 208 7.71 16.81 -19.27
C VAL B 208 6.40 16.05 -19.02
N VAL B 209 6.38 15.17 -18.02
CA VAL B 209 5.15 14.44 -17.63
C VAL B 209 4.38 15.24 -16.59
N CYS B 210 3.06 15.35 -16.77
CA CYS B 210 2.21 16.03 -15.82
C CYS B 210 1.57 14.95 -14.93
N ILE B 211 1.85 15.03 -13.62
CA ILE B 211 1.21 14.14 -12.68
C ILE B 211 0.10 14.97 -12.09
N THR B 212 -1.14 14.58 -12.37
CA THR B 212 -2.27 15.43 -12.02
C THR B 212 -3.15 14.78 -10.95
N ASP B 213 -3.16 15.41 -9.78
CA ASP B 213 -3.86 14.90 -8.59
C ASP B 213 -5.25 15.53 -8.63
N GLU B 214 -6.23 14.73 -9.04
CA GLU B 214 -7.60 15.21 -9.25
C GLU B 214 -8.56 14.59 -8.23
N VAL B 215 -8.08 14.33 -7.01
CA VAL B 215 -8.94 13.65 -6.04
C VAL B 215 -10.25 14.42 -5.76
N TYR B 216 -10.20 15.76 -5.80
CA TYR B 216 -11.41 16.56 -5.50
C TYR B 216 -12.27 16.89 -6.74
N GLN B 217 -12.10 16.11 -7.80
CA GLN B 217 -12.82 16.30 -9.07
C GLN B 217 -14.30 16.72 -8.96
N TRP B 218 -15.01 16.05 -8.07
CA TRP B 218 -16.47 16.21 -7.94
C TRP B 218 -16.87 17.33 -7.01
N MET B 219 -15.91 17.78 -6.20
CA MET B 219 -16.15 18.85 -5.24
C MET B 219 -15.87 20.21 -5.87
N VAL B 220 -16.81 20.66 -6.72
CA VAL B 220 -16.72 21.96 -7.39
C VAL B 220 -18.01 22.72 -7.09
N TYR B 221 -17.87 24.04 -6.98
CA TYR B 221 -18.93 24.94 -6.52
C TYR B 221 -19.14 26.09 -7.51
N ASP B 222 -20.28 26.79 -7.32
CA ASP B 222 -20.55 28.06 -8.00
C ASP B 222 -20.52 27.96 -9.53
N GLY B 223 -20.80 26.77 -10.05
CA GLY B 223 -20.82 26.57 -11.49
C GLY B 223 -19.47 26.32 -12.14
N HIS B 224 -18.41 26.28 -11.32
CA HIS B 224 -17.08 26.02 -11.86
C HIS B 224 -16.96 24.57 -12.30
N GLN B 225 -16.24 24.38 -13.39
CA GLN B 225 -16.14 23.09 -14.05
C GLN B 225 -14.76 22.51 -13.81
N HIS B 226 -14.71 21.25 -13.39
CA HIS B 226 -13.44 20.52 -13.36
C HIS B 226 -13.03 20.20 -14.80
N ILE B 227 -11.80 20.58 -15.14
CA ILE B 227 -11.20 20.17 -16.41
C ILE B 227 -9.96 19.34 -16.13
N SER B 228 -9.89 18.17 -16.75
CA SER B 228 -8.74 17.29 -16.64
C SER B 228 -7.71 17.63 -17.71
N ILE B 229 -6.50 17.92 -17.30
CA ILE B 229 -5.47 18.27 -18.26
C ILE B 229 -5.18 17.14 -19.27
N ALA B 230 -5.43 15.89 -18.87
CA ALA B 230 -5.20 14.75 -19.77
C ALA B 230 -6.11 14.77 -20.97
N SER B 231 -7.20 15.54 -20.87
CA SER B 231 -8.18 15.66 -21.96
C SER B 231 -7.76 16.70 -23.01
N LEU B 232 -6.79 17.54 -22.67
CA LEU B 232 -6.31 18.58 -23.60
C LEU B 232 -5.47 18.02 -24.76
N PRO B 233 -5.45 18.71 -25.92
CA PRO B 233 -4.68 18.20 -27.05
C PRO B 233 -3.23 17.91 -26.68
N GLY B 234 -2.77 16.72 -27.09
CA GLY B 234 -1.37 16.35 -26.92
C GLY B 234 -0.99 15.91 -25.51
N MET B 235 -1.95 15.93 -24.60
CA MET B 235 -1.63 15.65 -23.18
C MET B 235 -1.80 14.19 -22.74
N TRP B 236 -2.73 13.44 -23.33
CA TRP B 236 -2.90 12.04 -22.89
C TRP B 236 -1.58 11.25 -22.84
N GLU B 237 -0.74 11.42 -23.86
CA GLU B 237 0.52 10.69 -23.93
C GLU B 237 1.57 11.10 -22.90
N ARG B 238 1.31 12.17 -22.14
CA ARG B 238 2.29 12.63 -21.14
C ARG B 238 1.70 12.99 -19.78
N THR B 239 0.52 12.44 -19.48
CA THR B 239 -0.16 12.75 -18.23
C THR B 239 -0.50 11.48 -17.47
N LEU B 240 -0.37 11.57 -16.14
CA LEU B 240 -0.88 10.54 -15.22
C LEU B 240 -1.93 11.20 -14.35
N THR B 241 -3.15 10.66 -14.41
CA THR B 241 -4.29 11.23 -13.72
C THR B 241 -4.65 10.37 -12.51
N ILE B 242 -4.73 10.99 -11.35
CA ILE B 242 -4.89 10.27 -10.09
C ILE B 242 -6.22 10.61 -9.46
N GLY B 243 -6.89 9.60 -8.93
CA GLY B 243 -8.13 9.82 -8.17
C GLY B 243 -8.19 9.00 -6.87
N SER B 244 -9.18 9.32 -6.05
CA SER B 244 -9.35 8.69 -4.76
C SER B 244 -10.80 8.27 -4.52
N ALA B 245 -11.02 6.99 -4.24
CA ALA B 245 -12.38 6.53 -3.95
C ALA B 245 -12.88 7.21 -2.69
N GLY B 246 -11.98 7.38 -1.73
CA GLY B 246 -12.36 7.93 -0.43
C GLY B 246 -12.89 9.35 -0.58
N1 LLP B 247 -4.19 14.29 -2.71
C2 LLP B 247 -4.92 15.28 -2.06
C2' LLP B 247 -4.81 16.71 -2.56
C3 LLP B 247 -5.75 14.94 -0.98
O3 LLP B 247 -6.38 15.86 -0.42
C4 LLP B 247 -5.86 13.56 -0.54
C4' LLP B 247 -7.14 13.00 0.04
C5 LLP B 247 -5.04 12.62 -1.22
C6 LLP B 247 -4.24 12.98 -2.28
C5' LLP B 247 -4.99 11.17 -0.81
OP4 LLP B 247 -6.03 10.32 -1.26
P LLP B 247 -6.29 8.94 -0.49
OP1 LLP B 247 -7.16 8.20 -1.47
OP2 LLP B 247 -6.99 9.32 0.77
OP3 LLP B 247 -4.95 8.33 -0.31
N LLP B 247 -12.19 10.17 -1.36
CA LLP B 247 -12.60 11.56 -1.53
CB LLP B 247 -11.44 12.42 -2.05
CG LLP B 247 -10.20 12.42 -1.15
CD LLP B 247 -10.44 13.20 0.11
CE LLP B 247 -9.25 13.09 1.09
NZ LLP B 247 -8.01 13.83 0.56
C LLP B 247 -13.80 11.64 -2.47
O LLP B 247 -14.58 12.59 -2.41
N THR B 248 -13.96 10.64 -3.32
CA THR B 248 -15.08 10.60 -4.26
C THR B 248 -16.39 10.23 -3.56
N PHE B 249 -16.32 9.24 -2.68
CA PHE B 249 -17.52 8.66 -2.06
C PHE B 249 -17.63 8.97 -0.57
N SER B 250 -16.85 9.95 -0.08
CA SER B 250 -16.92 10.33 1.33
C SER B 250 -16.65 9.12 2.26
N ALA B 251 -15.62 8.34 1.89
CA ALA B 251 -15.26 7.14 2.63
C ALA B 251 -13.74 7.05 2.67
N THR B 252 -13.13 8.01 3.36
CA THR B 252 -11.67 8.14 3.31
C THR B 252 -10.93 6.90 3.85
N GLY B 253 -11.59 6.18 4.76
CA GLY B 253 -11.01 4.98 5.33
C GLY B 253 -10.96 3.77 4.41
N TRP B 254 -11.57 3.90 3.22
CA TRP B 254 -11.49 2.83 2.23
C TRP B 254 -10.11 2.76 1.58
N LYS B 255 -9.46 3.91 1.43
CA LYS B 255 -8.08 3.99 0.91
C LYS B 255 -7.92 3.18 -0.37
N VAL B 256 -8.72 3.52 -1.37
CA VAL B 256 -8.60 2.96 -2.71
C VAL B 256 -8.38 4.14 -3.65
N GLY B 257 -7.41 4.02 -4.56
CA GLY B 257 -7.20 5.07 -5.56
C GLY B 257 -6.84 4.45 -6.88
N TRP B 258 -6.55 5.29 -7.86
CA TRP B 258 -6.15 4.80 -9.17
C TRP B 258 -5.30 5.82 -9.89
N VAL B 259 -4.59 5.34 -10.90
CA VAL B 259 -3.91 6.18 -11.86
C VAL B 259 -4.36 5.77 -13.25
N LEU B 260 -4.61 6.78 -14.08
CA LEU B 260 -4.96 6.59 -15.50
C LEU B 260 -3.87 7.17 -16.37
N GLY B 261 -3.50 6.46 -17.42
CA GLY B 261 -2.54 7.06 -18.34
C GLY B 261 -2.12 6.11 -19.43
N PRO B 262 -1.22 6.56 -20.31
CA PRO B 262 -0.83 5.76 -21.48
C PRO B 262 0.09 4.61 -21.10
N ASP B 263 0.03 3.51 -21.85
CA ASP B 263 0.80 2.32 -21.52
C ASP B 263 2.31 2.54 -21.34
N HIS B 264 2.90 3.41 -22.16
CA HIS B 264 4.35 3.53 -22.15
C HIS B 264 4.88 4.18 -20.87
N ILE B 265 3.99 4.88 -20.17
CA ILE B 265 4.29 5.42 -18.83
C ILE B 265 3.79 4.43 -17.78
N MET B 266 2.53 3.98 -17.94
CA MET B 266 1.86 3.12 -16.95
C MET B 266 2.64 1.83 -16.67
N LYS B 267 3.30 1.26 -17.68
CA LYS B 267 4.08 0.04 -17.48
C LYS B 267 5.12 0.20 -16.34
N HIS B 268 5.65 1.41 -16.16
CA HIS B 268 6.63 1.63 -15.12
C HIS B 268 6.00 1.72 -13.75
N LEU B 269 4.80 2.30 -13.68
CA LEU B 269 4.04 2.28 -12.41
C LEU B 269 3.63 0.86 -12.07
N ARG B 270 3.30 0.04 -13.08
CA ARG B 270 3.03 -1.37 -12.82
C ARG B 270 4.25 -2.09 -12.22
N THR B 271 5.43 -1.75 -12.73
CA THR B 271 6.65 -2.32 -12.16
C THR B 271 6.80 -1.95 -10.69
N VAL B 272 6.58 -0.67 -10.38
CA VAL B 272 6.67 -0.26 -8.96
C VAL B 272 5.66 -1.03 -8.12
N HIS B 273 4.42 -1.08 -8.62
CA HIS B 273 3.33 -1.76 -7.92
C HIS B 273 3.64 -3.22 -7.65
N GLN B 274 4.14 -3.93 -8.66
CA GLN B 274 4.37 -5.38 -8.50
C GLN B 274 5.50 -5.67 -7.51
N ASN B 275 6.37 -4.68 -7.33
CA ASN B 275 7.53 -4.79 -6.43
C ASN B 275 7.34 -4.10 -5.08
N SER B 276 6.11 -3.67 -4.78
CA SER B 276 5.84 -2.99 -3.50
C SER B 276 4.63 -3.50 -2.73
N VAL B 277 3.47 -3.51 -3.34
CA VAL B 277 2.28 -4.05 -2.64
C VAL B 277 1.73 -5.31 -3.31
N PHE B 278 1.90 -5.38 -4.64
CA PHE B 278 1.46 -6.53 -5.48
C PHE B 278 -0.05 -6.60 -5.68
N HIS B 279 -0.81 -6.67 -4.60
CA HIS B 279 -2.29 -6.64 -4.67
C HIS B 279 -2.83 -5.48 -3.86
N CYS B 280 -3.92 -4.89 -4.33
CA CYS B 280 -4.78 -4.09 -3.46
C CYS B 280 -5.88 -5.00 -2.89
N PRO B 281 -6.45 -4.61 -1.73
CA PRO B 281 -7.51 -5.45 -1.14
C PRO B 281 -8.65 -5.67 -2.12
N THR B 282 -9.22 -6.87 -2.08
CA THR B 282 -10.25 -7.23 -3.07
C THR B 282 -11.59 -6.56 -2.84
N GLN B 283 -12.07 -6.63 -1.60
CA GLN B 283 -13.46 -6.28 -1.30
C GLN B 283 -13.75 -4.80 -1.39
N SER B 284 -12.82 -3.95 -0.92
CA SER B 284 -13.04 -2.51 -1.10
C SER B 284 -13.08 -2.15 -2.58
N GLN B 285 -12.29 -2.85 -3.41
CA GLN B 285 -12.34 -2.58 -4.84
C GLN B 285 -13.70 -2.93 -5.42
N ALA B 286 -14.24 -4.07 -5.00
CA ALA B 286 -15.58 -4.47 -5.42
C ALA B 286 -16.61 -3.40 -5.07
N ALA B 287 -16.49 -2.86 -3.85
CA ALA B 287 -17.37 -1.79 -3.34
C ALA B 287 -17.26 -0.53 -4.19
N VAL B 288 -16.03 -0.15 -4.50
CA VAL B 288 -15.81 1.03 -5.32
C VAL B 288 -16.34 0.83 -6.73
N ALA B 289 -16.20 -0.38 -7.28
CA ALA B 289 -16.70 -0.64 -8.63
C ALA B 289 -18.23 -0.49 -8.65
N GLU B 290 -18.89 -1.08 -7.66
CA GLU B 290 -20.34 -1.01 -7.55
C GLU B 290 -20.78 0.45 -7.39
N SER B 291 -19.99 1.24 -6.65
CA SER B 291 -20.34 2.63 -6.40
C SER B 291 -20.23 3.50 -7.66
N PHE B 292 -19.17 3.30 -8.44
CA PHE B 292 -19.05 3.96 -9.74
C PHE B 292 -20.10 3.51 -10.75
N GLU B 293 -20.49 2.24 -10.72
CA GLU B 293 -21.55 1.77 -11.61
C GLU B 293 -22.83 2.54 -11.36
N ARG B 294 -23.14 2.73 -10.08
CA ARG B 294 -24.34 3.48 -9.68
C ARG B 294 -24.29 4.93 -10.15
N GLU B 295 -23.13 5.58 -10.00
CA GLU B 295 -22.98 6.95 -10.47
C GLU B 295 -22.91 7.13 -11.99
N GLN B 296 -22.38 6.14 -12.71
CA GLN B 296 -22.39 6.21 -14.18
C GLN B 296 -23.84 6.13 -14.68
N LEU B 297 -24.62 5.26 -14.04
CA LEU B 297 -26.02 5.05 -14.42
C LEU B 297 -26.84 6.32 -14.20
N LEU B 298 -26.51 7.06 -13.15
CA LEU B 298 -27.28 8.25 -12.80
C LEU B 298 -26.55 9.54 -13.15
N PHE B 299 -25.54 9.43 -14.01
CA PHE B 299 -24.66 10.56 -14.34
C PHE B 299 -25.43 11.78 -14.85
N ARG B 300 -25.17 12.91 -14.21
CA ARG B 300 -25.81 14.20 -14.52
C ARG B 300 -27.24 14.30 -14.00
N GLN B 301 -27.78 13.21 -13.46
CA GLN B 301 -29.15 13.23 -12.92
C GLN B 301 -29.22 13.81 -11.50
N PRO B 302 -30.35 14.46 -11.14
CA PRO B 302 -30.45 15.14 -9.84
C PRO B 302 -30.40 14.22 -8.61
N SER B 303 -30.62 12.92 -8.82
CA SER B 303 -30.55 11.91 -7.74
C SER B 303 -29.14 11.35 -7.48
N SER B 304 -28.21 11.67 -8.39
CA SER B 304 -26.83 11.18 -8.29
C SER B 304 -26.06 11.90 -7.20
N TYR B 305 -25.15 11.17 -6.56
CA TYR B 305 -24.31 11.72 -5.52
C TYR B 305 -23.45 12.86 -6.03
N PHE B 306 -22.91 12.70 -7.25
CA PHE B 306 -22.01 13.73 -7.80
C PHE B 306 -22.73 15.05 -8.10
N VAL B 307 -24.06 15.00 -8.14
CA VAL B 307 -24.84 16.24 -8.22
C VAL B 307 -25.26 16.74 -6.83
N GLN B 308 -25.83 15.85 -6.00
CA GLN B 308 -26.38 16.24 -4.71
C GLN B 308 -25.33 16.67 -3.70
N PHE B 309 -24.24 15.91 -3.62
CA PHE B 309 -23.25 16.13 -2.56
C PHE B 309 -22.49 17.48 -2.64
N PRO B 310 -21.95 17.83 -3.83
CA PRO B 310 -21.33 19.18 -3.98
C PRO B 310 -22.29 20.32 -3.64
N GLN B 311 -23.57 20.13 -3.97
CA GLN B 311 -24.57 21.16 -3.65
C GLN B 311 -24.73 21.31 -2.16
N ALA B 312 -24.78 20.19 -1.44
CA ALA B 312 -24.90 20.20 0.01
C ALA B 312 -23.67 20.83 0.68
N MET B 313 -22.49 20.45 0.20
CA MET B 313 -21.25 20.96 0.77
C MET B 313 -21.03 22.44 0.46
N GLN B 314 -21.54 22.91 -0.67
CA GLN B 314 -21.52 24.36 -0.95
C GLN B 314 -22.27 25.15 0.11
N ARG B 315 -23.38 24.61 0.61
CA ARG B 315 -24.13 25.21 1.72
C ARG B 315 -23.29 25.24 3.00
N CYS B 316 -22.57 24.15 3.27
CA CYS B 316 -21.67 24.10 4.42
C CYS B 316 -20.54 25.13 4.29
N ARG B 317 -19.96 25.23 3.09
CA ARG B 317 -18.95 26.25 2.78
C ARG B 317 -19.48 27.65 3.09
N ASP B 318 -20.65 27.96 2.55
CA ASP B 318 -21.24 29.31 2.75
C ASP B 318 -21.48 29.62 4.21
N HIS B 319 -22.00 28.65 4.94
CA HIS B 319 -22.22 28.76 6.38
C HIS B 319 -20.88 29.10 7.06
N MET B 320 -19.84 28.32 6.78
CA MET B 320 -18.56 28.56 7.44
C MET B 320 -17.97 29.91 7.06
N ILE B 321 -18.10 30.32 5.80
CA ILE B 321 -17.62 31.64 5.38
C ILE B 321 -18.24 32.78 6.20
N ARG B 322 -19.55 32.69 6.42
CA ARG B 322 -20.28 33.66 7.23
C ARG B 322 -19.80 33.64 8.68
N SER B 323 -19.75 32.45 9.26
CA SER B 323 -19.43 32.26 10.68
C SER B 323 -18.04 32.75 11.04
N LEU B 324 -17.04 32.36 10.24
CA LEU B 324 -15.66 32.69 10.59
C LEU B 324 -15.40 34.19 10.58
N GLN B 325 -16.14 34.91 9.73
CA GLN B 325 -16.01 36.38 9.68
C GLN B 325 -16.42 37.06 10.99
N SER B 326 -17.22 36.36 11.80
CA SER B 326 -17.76 36.97 13.03
C SER B 326 -16.70 37.25 14.08
N VAL B 327 -15.55 36.58 13.95
CA VAL B 327 -14.43 36.82 14.86
C VAL B 327 -13.24 37.48 14.15
N GLY B 328 -13.45 37.90 12.90
CA GLY B 328 -12.44 38.67 12.17
C GLY B 328 -11.49 37.84 11.32
N LEU B 329 -11.78 36.55 11.17
CA LEU B 329 -11.04 35.76 10.19
C LEU B 329 -11.55 36.12 8.79
N LYS B 330 -10.68 36.08 7.78
CA LYS B 330 -11.02 36.57 6.47
C LYS B 330 -10.94 35.45 5.42
N PRO B 331 -12.06 34.76 5.14
CA PRO B 331 -12.00 33.64 4.21
C PRO B 331 -11.62 34.03 2.78
N ILE B 332 -10.94 33.13 2.10
CA ILE B 332 -10.78 33.19 0.66
C ILE B 332 -11.77 32.18 0.11
N ILE B 333 -12.70 32.63 -0.72
CA ILE B 333 -13.78 31.75 -1.19
C ILE B 333 -13.24 30.70 -2.17
N PRO B 334 -13.37 29.41 -1.83
CA PRO B 334 -12.90 28.36 -2.72
C PRO B 334 -13.92 27.98 -3.78
N GLN B 335 -13.43 27.60 -4.96
CA GLN B 335 -14.32 27.10 -6.01
C GLN B 335 -14.45 25.57 -6.00
N GLY B 336 -13.66 24.92 -5.16
CA GLY B 336 -13.70 23.46 -5.04
C GLY B 336 -12.92 22.95 -3.84
N SER B 337 -12.90 21.62 -3.70
CA SER B 337 -12.27 20.91 -2.57
C SER B 337 -13.13 20.94 -1.30
N TYR B 338 -12.65 20.26 -0.28
CA TYR B 338 -13.19 20.22 1.08
C TYR B 338 -12.93 21.47 1.93
N PHE B 339 -12.08 22.36 1.40
CA PHE B 339 -11.36 23.35 2.23
C PHE B 339 -11.54 24.79 1.83
N LEU B 340 -11.37 25.66 2.83
CA LEU B 340 -11.09 27.05 2.57
C LEU B 340 -9.97 27.46 3.50
N ILE B 341 -9.27 28.53 3.10
CA ILE B 341 -8.29 29.14 3.97
C ILE B 341 -8.77 30.53 4.39
N THR B 342 -8.39 30.91 5.62
CA THR B 342 -8.65 32.28 6.08
C THR B 342 -7.33 33.02 6.29
N ASP B 343 -7.29 34.27 5.84
CA ASP B 343 -6.21 35.21 6.15
C ASP B 343 -6.32 35.59 7.62
N ILE B 344 -5.20 35.45 8.35
CA ILE B 344 -5.11 35.83 9.76
C ILE B 344 -4.16 37.02 9.97
N SER B 345 -3.87 37.74 8.89
CA SER B 345 -2.94 38.88 8.98
C SER B 345 -3.37 39.95 9.99
N ASP B 346 -4.67 40.12 10.18
CA ASP B 346 -5.12 41.09 11.21
C ASP B 346 -4.71 40.63 12.61
N PHE B 347 -4.82 39.33 12.87
CA PHE B 347 -4.38 38.77 14.14
C PHE B 347 -2.87 38.87 14.30
N LYS B 348 -2.13 38.59 13.23
CA LYS B 348 -0.67 38.68 13.30
C LYS B 348 -0.21 40.10 13.63
N ARG B 349 -0.93 41.07 13.07
CA ARG B 349 -0.60 42.48 13.29
C ARG B 349 -0.92 42.90 14.73
N LYS B 350 -2.08 42.49 15.23
CA LYS B 350 -2.56 42.98 16.52
C LYS B 350 -2.16 42.09 17.68
N MET B 351 -1.79 40.84 17.38
CA MET B 351 -1.37 39.88 18.39
C MET B 351 -0.12 39.13 17.91
N PRO B 352 0.96 39.88 17.63
CA PRO B 352 2.16 39.28 17.03
C PRO B 352 2.93 38.33 17.93
N ASP B 353 2.80 38.50 19.25
CA ASP B 353 3.74 37.87 20.17
C ASP B 353 3.26 36.56 20.79
N LEU B 354 2.51 35.79 20.01
CA LEU B 354 2.15 34.44 20.44
C LEU B 354 3.40 33.62 20.70
N PRO B 355 3.40 32.86 21.81
CA PRO B 355 4.59 32.07 22.11
C PRO B 355 4.84 30.93 21.13
N GLY B 356 6.13 30.65 20.94
CA GLY B 356 6.60 29.54 20.11
C GLY B 356 8.10 29.70 19.92
N ALA B 357 8.69 28.83 19.10
CA ALA B 357 10.14 28.89 18.78
C ALA B 357 10.50 30.18 18.06
N VAL B 358 11.78 30.57 18.11
CA VAL B 358 12.19 31.85 17.54
C VAL B 358 11.92 31.92 16.02
N ASP B 359 12.02 30.78 15.35
CA ASP B 359 11.85 30.76 13.89
C ASP B 359 10.39 30.50 13.47
N GLU B 360 9.53 30.20 14.42
CA GLU B 360 8.29 29.48 14.14
C GLU B 360 7.24 30.30 13.39
N PRO B 361 6.76 29.80 12.22
CA PRO B 361 5.75 30.55 11.49
C PRO B 361 4.56 30.95 12.35
N TYR B 362 4.05 32.14 12.12
CA TYR B 362 2.96 32.67 12.94
C TYR B 362 1.75 31.75 12.93
N ASP B 363 1.41 31.20 11.76
CA ASP B 363 0.21 30.38 11.67
C ASP B 363 0.23 29.15 12.58
N ARG B 364 1.41 28.54 12.70
CA ARG B 364 1.57 27.40 13.62
C ARG B 364 1.28 27.83 15.06
N ARG B 365 1.85 28.97 15.45
CA ARG B 365 1.61 29.53 16.79
C ARG B 365 0.15 29.93 16.99
N PHE B 366 -0.46 30.48 15.95
CA PHE B 366 -1.86 30.90 16.05
C PHE B 366 -2.78 29.70 16.23
N VAL B 367 -2.49 28.63 15.48
CA VAL B 367 -3.32 27.43 15.56
C VAL B 367 -3.25 26.82 16.96
N LYS B 368 -2.06 26.75 17.55
CA LYS B 368 -1.93 26.25 18.93
C LYS B 368 -2.73 27.15 19.89
N TRP B 369 -2.62 28.46 19.73
CA TRP B 369 -3.37 29.38 20.56
C TRP B 369 -4.88 29.15 20.42
N MET B 370 -5.34 28.99 19.18
CA MET B 370 -6.76 28.82 18.89
C MET B 370 -7.31 27.50 19.42
N ILE B 371 -6.55 26.42 19.28
CA ILE B 371 -6.93 25.12 19.85
C ILE B 371 -7.10 25.23 21.37
N LYS B 372 -6.07 25.77 22.03
CA LYS B 372 -5.99 25.72 23.49
C LYS B 372 -6.93 26.70 24.17
N ASN B 373 -7.15 27.86 23.54
CA ASN B 373 -7.96 28.95 24.11
C ASN B 373 -9.37 29.10 23.53
N LYS B 374 -9.54 28.74 22.25
CA LYS B 374 -10.81 28.93 21.57
C LYS B 374 -11.57 27.63 21.25
N GLY B 375 -10.88 26.49 21.33
CA GLY B 375 -11.52 25.20 21.08
C GLY B 375 -11.84 24.91 19.61
N LEU B 376 -11.05 25.50 18.71
CA LEU B 376 -11.22 25.28 17.27
C LEU B 376 -9.89 24.83 16.68
N VAL B 377 -9.94 23.79 15.85
CA VAL B 377 -8.75 23.30 15.13
C VAL B 377 -8.79 23.79 13.68
N ALA B 378 -7.66 24.32 13.22
CA ALA B 378 -7.42 24.53 11.80
C ALA B 378 -6.00 24.03 11.51
N ILE B 379 -5.63 24.03 10.23
CA ILE B 379 -4.26 23.62 9.82
C ILE B 379 -3.46 24.84 9.36
N PRO B 380 -2.25 25.04 9.90
CA PRO B 380 -1.43 26.15 9.41
C PRO B 380 -1.01 25.94 7.97
N VAL B 381 -1.24 26.93 7.13
CA VAL B 381 -1.05 26.79 5.69
C VAL B 381 0.42 26.74 5.34
N SER B 382 1.28 27.17 6.27
CA SER B 382 2.71 27.14 5.97
C SER B 382 3.25 25.73 5.70
N ILE B 383 2.54 24.69 6.16
CA ILE B 383 3.02 23.32 5.85
C ILE B 383 2.91 22.98 4.36
N PHE B 384 2.18 23.81 3.61
CA PHE B 384 1.98 23.61 2.18
C PHE B 384 2.91 24.50 1.33
N TYR B 385 3.97 24.97 1.96
CA TYR B 385 5.00 25.82 1.35
C TYR B 385 6.39 25.24 1.55
N SER B 386 7.24 25.45 0.57
CA SER B 386 8.66 25.16 0.69
C SER B 386 9.21 25.91 1.92
N VAL B 387 10.24 25.35 2.57
CA VAL B 387 10.73 25.93 3.81
C VAL B 387 11.14 27.41 3.66
N PRO B 388 11.88 27.75 2.58
CA PRO B 388 12.29 29.14 2.37
C PRO B 388 11.12 30.12 2.28
N HIS B 389 9.94 29.65 1.88
CA HIS B 389 8.79 30.52 1.73
C HIS B 389 7.85 30.53 2.92
N GLN B 390 8.07 29.64 3.89
CA GLN B 390 7.14 29.56 5.04
C GLN B 390 7.05 30.84 5.86
N LYS B 391 8.16 31.55 6.03
CA LYS B 391 8.15 32.83 6.77
C LYS B 391 7.35 33.91 6.05
N HIS B 392 7.13 33.73 4.76
CA HIS B 392 6.41 34.70 3.92
C HIS B 392 4.97 34.34 3.68
N PHE B 393 4.63 33.07 3.89
CA PHE B 393 3.26 32.62 3.77
C PHE B 393 2.86 31.97 5.09
N ASP B 394 2.91 32.78 6.15
CA ASP B 394 2.61 32.28 7.48
C ASP B 394 1.35 32.92 8.07
N HIS B 395 0.52 33.48 7.20
CA HIS B 395 -0.65 34.20 7.70
C HIS B 395 -1.96 33.64 7.16
N TYR B 396 -1.96 32.35 6.82
CA TYR B 396 -3.21 31.66 6.46
C TYR B 396 -3.39 30.40 7.27
N ILE B 397 -4.64 30.03 7.50
CA ILE B 397 -4.96 28.73 8.12
C ILE B 397 -6.11 28.08 7.34
N ARG B 398 -6.13 26.75 7.37
CA ARG B 398 -7.07 25.98 6.53
C ARG B 398 -8.14 25.33 7.40
N PHE B 399 -9.40 25.52 6.99
CA PHE B 399 -10.53 24.87 7.62
C PHE B 399 -11.18 23.88 6.66
N CYS B 400 -11.78 22.85 7.22
CA CYS B 400 -12.57 21.92 6.43
C CYS B 400 -14.05 22.03 6.75
N PHE B 401 -14.87 22.29 5.74
CA PHE B 401 -16.29 22.55 5.98
C PHE B 401 -17.16 21.35 5.66
N VAL B 402 -16.54 20.22 5.30
CA VAL B 402 -17.28 19.01 4.97
C VAL B 402 -17.60 18.30 6.28
N LYS B 403 -18.61 18.84 6.96
CA LYS B 403 -18.94 18.45 8.33
C LYS B 403 -20.46 18.39 8.52
N ASP B 404 -20.86 17.59 9.50
CA ASP B 404 -22.25 17.43 9.89
C ASP B 404 -22.82 18.75 10.39
N GLU B 405 -24.12 18.94 10.23
CA GLU B 405 -24.80 20.13 10.78
C GLU B 405 -24.46 20.38 12.26
N ALA B 406 -24.37 19.32 13.07
CA ALA B 406 -24.12 19.45 14.51
C ALA B 406 -22.70 19.95 14.80
N THR B 407 -21.77 19.57 13.93
CA THR B 407 -20.39 20.06 14.02
C THR B 407 -20.33 21.56 13.72
N LEU B 408 -21.05 22.00 12.69
CA LEU B 408 -21.08 23.42 12.36
C LEU B 408 -21.74 24.22 13.49
N GLN B 409 -22.76 23.64 14.11
CA GLN B 409 -23.39 24.30 15.26
C GLN B 409 -22.45 24.42 16.44
N ALA B 410 -21.65 23.37 16.65
CA ALA B 410 -20.63 23.36 17.70
C ALA B 410 -19.56 24.42 17.39
N MET B 411 -19.22 24.55 16.10
CA MET B 411 -18.29 25.59 15.65
C MET B 411 -18.82 26.96 16.05
N ASP B 412 -20.11 27.19 15.76
CA ASP B 412 -20.74 28.48 16.04
C ASP B 412 -20.76 28.78 17.53
N GLU B 413 -21.01 27.77 18.36
CA GLU B 413 -20.92 27.95 19.80
C GLU B 413 -19.53 28.48 20.19
N LYS B 414 -18.47 27.88 19.64
CA LYS B 414 -17.12 28.32 19.94
C LYS B 414 -16.88 29.75 19.48
N LEU B 415 -17.37 30.05 18.29
CA LEU B 415 -17.18 31.38 17.71
C LEU B 415 -17.92 32.45 18.51
N ARG B 416 -19.12 32.12 19.00
CA ARG B 416 -19.83 33.08 19.86
C ARG B 416 -19.03 33.43 21.11
N LYS B 417 -18.42 32.43 21.74
CA LYS B 417 -17.59 32.62 22.93
C LYS B 417 -16.36 33.48 22.63
N TRP B 418 -15.73 33.22 21.51
CA TRP B 418 -14.57 33.99 21.06
C TRP B 418 -14.95 35.44 20.86
N LYS B 419 -16.05 35.66 20.13
CA LYS B 419 -16.49 37.00 19.74
C LYS B 419 -16.63 37.92 20.94
N VAL B 420 -17.19 37.40 22.03
CA VAL B 420 -17.33 38.16 23.28
C VAL B 420 -15.96 38.53 23.89
N GLU B 421 -14.94 37.73 23.56
CA GLU B 421 -13.58 37.88 24.10
C GLU B 421 -12.66 38.72 23.21
N LEU B 422 -13.17 39.20 22.06
CA LEU B 422 -12.34 39.93 21.10
C LEU B 422 -11.68 41.18 21.70
C IAC C . 2.92 -13.29 -4.35
C1 IAC C . 2.29 -14.03 -3.36
C2 IAC C . 1.73 -13.42 -2.24
C3 IAC C . 1.82 -12.02 -2.14
C4 IAC C . 2.46 -11.27 -3.12
C5 IAC C . 3.02 -11.90 -4.24
C7 IAC C . 2.34 -15.37 -3.69
C8 IAC C . 3.02 -15.42 -4.92
C17 IAC C . 1.77 -16.53 -2.91
C18 IAC C . 2.38 -17.78 -3.48
N IAC C . 3.36 -14.16 -5.29
O2 IAC C . 1.72 -18.44 -4.33
O3 IAC C . 3.57 -18.06 -3.11
C1 GOL D . 2.92 -4.92 25.44
O1 GOL D . 3.29 -6.18 24.87
C2 GOL D . 1.53 -4.47 24.98
O2 GOL D . 0.54 -5.28 25.56
C3 GOL D . 1.19 -2.99 25.20
O3 GOL D . 2.17 -2.24 25.90
C1 GOL E . -0.15 -14.08 -6.33
O1 GOL E . -1.45 -13.59 -6.64
C2 GOL E . -0.05 -15.59 -6.65
O2 GOL E . -0.54 -15.90 -7.95
C3 GOL E . -0.74 -16.46 -5.62
O3 GOL E . -0.32 -17.80 -5.84
C1 GOL F . -14.36 -22.60 11.60
O1 GOL F . -13.49 -22.75 10.50
C2 GOL F . -14.98 -21.20 11.51
O2 GOL F . -15.96 -21.19 10.48
C3 GOL F . -15.41 -20.70 12.89
O3 GOL F . -15.90 -19.37 12.91
NA NA G . 29.18 -5.24 9.90
C IAC H . -2.93 13.23 4.62
C1 IAC H . -4.16 13.35 3.95
C2 IAC H . -4.57 12.37 3.04
C3 IAC H . -3.73 11.28 2.81
C4 IAC H . -2.51 11.15 3.47
C5 IAC H . -2.08 12.15 4.37
C7 IAC H . -4.76 14.53 4.38
C8 IAC H . -3.86 15.09 5.28
C17 IAC H . -6.11 15.13 3.99
C18 IAC H . -6.11 16.59 4.42
N IAC H . -2.77 14.31 5.40
O2 IAC H . -6.55 16.87 5.57
O3 IAC H . -5.64 17.44 3.63
C1 GOL I . -6.59 14.01 7.53
O1 GOL I . -7.03 15.35 7.71
C2 GOL I . -5.24 13.90 8.24
O2 GOL I . -5.38 14.15 9.63
C3 GOL I . -4.59 12.55 7.98
O3 GOL I . -5.35 11.49 8.51
C1 GOL J . -11.76 -12.58 -5.76
O1 GOL J . -10.61 -13.35 -5.46
C2 GOL J . -11.96 -12.45 -7.26
O2 GOL J . -13.30 -12.14 -7.56
C3 GOL J . -11.11 -11.29 -7.72
O3 GOL J . -10.63 -11.49 -9.03
NA NA K . 13.33 18.31 -21.58
#